data_5D7B
#
_entry.id   5D7B
#
_cell.length_a   143.393
_cell.length_b   143.393
_cell.length_c   197.783
_cell.angle_alpha   90.00
_cell.angle_beta   90.00
_cell.angle_gamma   120.00
#
_symmetry.space_group_name_H-M   'P 31 2 1'
#
loop_
_entity.id
_entity.type
_entity.pdbx_description
1 polymer 'Homoserine O-acetyltransferase'
2 non-polymer GLYCEROL
3 water water
#
_entity_poly.entity_id   1
_entity_poly.type   'polypeptide(L)'
_entity_poly.pdbx_seq_one_letter_code
;MLDNSFYTAEVQGPYETASIGRLELEEGGVIEDCWLAYATAGTLNEDKSNAILIPTWYSGTHQTWFQQYIGTDHALDPSK
YFIISINQIGNGLSVSPANTADDSISMSKFPNVRIGDDVVAQDRLLRQEFGITELFAVVGGSMGAQQTYEWIVRFPDQVH
RAAPIAGTAKNTPHDFIFTQTLNETVEADPGFNGGEYSSHEEVADGLRRQSHLWAAMGFSTEFWKQEAWRRLGLESKESV
LADFLDPLFMSMDPNTLLNNAWKWQHGDVSRHTGGDLAAALGRVKAKTFVMPISEDMFFPVRDCAAEQALIPGSELRVIE
DIAGHLGLFNVSENYIPQIDKNLKELFES
;
_entity_poly.pdbx_strand_id   A,B
#
loop_
_chem_comp.id
_chem_comp.type
_chem_comp.name
_chem_comp.formula
GOL non-polymer GLYCEROL 'C3 H8 O3'
#
# COMPACT_ATOMS: atom_id res chain seq x y z
N MET A 1 -16.87 0.37 29.72
CA MET A 1 -17.53 -0.69 28.97
C MET A 1 -18.57 -0.11 28.02
N LEU A 2 -18.35 -0.33 26.72
CA LEU A 2 -19.21 0.26 25.69
C LEU A 2 -20.14 -0.78 25.08
N ASP A 3 -21.10 -0.30 24.28
CA ASP A 3 -22.05 -1.19 23.61
C ASP A 3 -21.92 -1.12 22.10
N ASN A 4 -21.56 -2.24 21.50
CA ASN A 4 -21.47 -2.34 20.05
C ASN A 4 -22.16 -3.62 19.57
N SER A 5 -23.23 -3.45 18.80
CA SER A 5 -24.02 -4.58 18.33
C SER A 5 -23.22 -5.52 17.43
N PHE A 6 -22.11 -5.02 16.87
CA PHE A 6 -21.25 -5.83 16.02
C PHE A 6 -20.61 -6.97 16.79
N TYR A 7 -20.13 -6.67 17.99
CA TYR A 7 -19.45 -7.68 18.82
C TYR A 7 -20.45 -8.42 19.69
N THR A 8 -21.43 -9.06 19.05
CA THR A 8 -22.42 -9.86 19.75
C THR A 8 -22.57 -11.23 19.09
N ALA A 9 -23.22 -12.15 19.78
CA ALA A 9 -23.45 -13.49 19.24
C ALA A 9 -24.41 -13.43 18.06
N GLU A 10 -25.27 -12.42 18.05
CA GLU A 10 -26.28 -12.27 17.00
C GLU A 10 -25.64 -11.98 15.65
N VAL A 11 -24.41 -11.49 15.67
CA VAL A 11 -23.71 -11.13 14.44
C VAL A 11 -22.55 -12.10 14.15
N GLN A 12 -21.75 -12.39 15.17
CA GLN A 12 -20.57 -13.22 15.01
C GLN A 12 -20.89 -14.70 15.09
N GLY A 13 -22.11 -15.03 15.52
CA GLY A 13 -22.50 -16.41 15.73
C GLY A 13 -22.34 -16.82 17.18
N PRO A 14 -22.89 -17.99 17.53
CA PRO A 14 -22.86 -18.49 18.91
C PRO A 14 -21.44 -18.74 19.41
N TYR A 15 -21.18 -18.42 20.67
CA TYR A 15 -19.89 -18.66 21.29
C TYR A 15 -19.97 -18.60 22.81
N GLU A 16 -19.05 -19.28 23.48
CA GLU A 16 -18.98 -19.27 24.93
C GLU A 16 -17.79 -18.46 25.43
N THR A 17 -17.85 -18.05 26.69
CA THR A 17 -16.75 -17.30 27.29
C THR A 17 -16.36 -17.88 28.65
N ALA A 18 -15.11 -18.32 28.76
CA ALA A 18 -14.58 -18.84 30.01
C ALA A 18 -13.39 -18.00 30.46
N SER A 19 -13.13 -17.98 31.76
CA SER A 19 -12.00 -17.23 32.30
C SER A 19 -10.86 -18.16 32.70
N ILE A 20 -9.64 -17.76 32.38
CA ILE A 20 -8.46 -18.54 32.73
C ILE A 20 -7.73 -17.96 33.92
N GLY A 21 -8.26 -16.86 34.46
CA GLY A 21 -7.70 -16.26 35.65
C GLY A 21 -6.68 -15.17 35.38
N ARG A 22 -5.74 -15.01 36.30
N ARG A 22 -5.73 -15.03 36.30
CA ARG A 22 -4.72 -13.98 36.17
CA ARG A 22 -4.68 -14.01 36.20
C ARG A 22 -3.73 -14.32 35.06
C ARG A 22 -3.69 -14.32 35.09
N LEU A 23 -3.52 -13.37 34.17
CA LEU A 23 -2.58 -13.54 33.06
C LEU A 23 -1.55 -12.43 33.05
N GLU A 24 -0.29 -12.77 33.35
CA GLU A 24 0.78 -11.80 33.34
C GLU A 24 1.38 -11.70 31.93
N LEU A 25 1.30 -10.53 31.33
CA LEU A 25 1.74 -10.32 29.96
C LEU A 25 3.26 -10.16 29.89
N GLU A 26 3.83 -10.42 28.71
CA GLU A 26 5.26 -10.35 28.52
C GLU A 26 5.77 -8.91 28.58
N GLU A 27 4.96 -7.98 28.09
CA GLU A 27 5.35 -6.57 28.06
C GLU A 27 5.32 -5.93 29.44
N GLY A 28 4.84 -6.67 30.43
CA GLY A 28 4.83 -6.18 31.80
C GLY A 28 3.45 -6.10 32.41
N GLY A 29 2.46 -5.75 31.59
CA GLY A 29 1.10 -5.58 32.05
C GLY A 29 0.46 -6.84 32.61
N VAL A 30 -0.63 -6.67 33.35
CA VAL A 30 -1.34 -7.78 33.94
C VAL A 30 -2.84 -7.67 33.72
N ILE A 31 -3.45 -8.76 33.26
CA ILE A 31 -4.91 -8.84 33.17
C ILE A 31 -5.43 -9.73 34.29
N GLU A 32 -5.98 -9.10 35.33
CA GLU A 32 -6.44 -9.83 36.51
C GLU A 32 -7.49 -10.88 36.18
N ASP A 33 -8.57 -10.45 35.52
CA ASP A 33 -9.59 -11.39 35.08
C ASP A 33 -9.53 -11.56 33.57
N CYS A 34 -8.72 -12.52 33.12
CA CYS A 34 -8.56 -12.77 31.70
C CYS A 34 -9.55 -13.84 31.22
N TRP A 35 -10.56 -13.41 30.47
CA TRP A 35 -11.55 -14.32 29.94
C TRP A 35 -11.54 -14.29 28.41
N LEU A 36 -11.64 -15.47 27.81
CA LEU A 36 -11.59 -15.59 26.36
C LEU A 36 -12.93 -16.00 25.79
N ALA A 37 -13.17 -15.65 24.53
CA ALA A 37 -14.38 -16.05 23.83
C ALA A 37 -14.04 -17.11 22.79
N TYR A 38 -14.74 -18.24 22.84
CA TYR A 38 -14.47 -19.33 21.92
C TYR A 38 -15.74 -19.95 21.35
N ALA A 39 -15.61 -20.52 20.15
CA ALA A 39 -16.72 -21.23 19.52
C ALA A 39 -16.25 -22.62 19.10
N THR A 40 -17.13 -23.60 19.25
CA THR A 40 -16.77 -24.98 18.94
C THR A 40 -17.75 -25.63 17.97
N ALA A 41 -17.27 -26.69 17.30
CA ALA A 41 -18.09 -27.47 16.40
C ALA A 41 -17.53 -28.89 16.32
N GLY A 42 -18.37 -29.88 16.56
CA GLY A 42 -17.93 -31.26 16.55
C GLY A 42 -17.78 -31.82 17.94
N THR A 43 -17.48 -33.11 18.03
CA THR A 43 -17.38 -33.79 19.31
C THR A 43 -15.96 -34.27 19.58
N LEU A 44 -15.46 -33.97 20.76
CA LEU A 44 -14.13 -34.42 21.17
C LEU A 44 -14.17 -35.91 21.51
N ASN A 45 -13.29 -36.69 20.89
CA ASN A 45 -13.32 -38.14 21.05
C ASN A 45 -12.83 -38.60 22.42
N GLU A 46 -12.76 -39.91 22.59
CA GLU A 46 -12.45 -40.53 23.88
C GLU A 46 -11.10 -40.09 24.42
N ASP A 47 -10.07 -40.17 23.57
CA ASP A 47 -8.71 -39.84 24.00
C ASP A 47 -8.32 -38.42 23.63
N LYS A 48 -9.32 -37.61 23.27
CA LYS A 48 -9.13 -36.17 23.04
C LYS A 48 -8.00 -35.88 22.05
N SER A 49 -8.03 -36.57 20.91
CA SER A 49 -6.95 -36.50 19.94
C SER A 49 -7.38 -35.92 18.58
N ASN A 50 -8.65 -35.52 18.48
CA ASN A 50 -9.16 -34.97 17.22
C ASN A 50 -9.50 -33.49 17.34
N ALA A 51 -8.71 -32.76 18.11
CA ALA A 51 -8.97 -31.33 18.32
C ALA A 51 -8.19 -30.47 17.35
N ILE A 52 -8.88 -29.51 16.74
CA ILE A 52 -8.25 -28.56 15.83
C ILE A 52 -8.49 -27.12 16.30
N LEU A 53 -7.40 -26.38 16.53
CA LEU A 53 -7.49 -25.02 17.03
C LEU A 53 -7.41 -23.99 15.90
N ILE A 54 -8.30 -23.01 15.94
CA ILE A 54 -8.32 -21.96 14.93
C ILE A 54 -8.30 -20.56 15.55
N PRO A 55 -7.12 -19.92 15.58
CA PRO A 55 -6.98 -18.55 16.05
C PRO A 55 -7.57 -17.54 15.06
N THR A 56 -8.13 -16.45 15.57
CA THR A 56 -8.74 -15.45 14.72
C THR A 56 -7.70 -14.48 14.16
N TRP A 57 -8.07 -13.72 13.14
CA TRP A 57 -7.15 -12.74 12.56
C TRP A 57 -7.55 -11.31 12.92
N TYR A 58 -6.80 -10.35 12.39
CA TYR A 58 -7.03 -8.94 12.66
C TYR A 58 -8.43 -8.51 12.23
N SER A 59 -9.07 -7.70 13.06
CA SER A 59 -10.41 -7.17 12.80
C SER A 59 -11.44 -8.27 12.57
N GLY A 60 -11.14 -9.47 13.04
CA GLY A 60 -12.01 -10.61 12.79
C GLY A 60 -12.26 -11.45 14.02
N THR A 61 -13.21 -12.38 13.89
CA THR A 61 -13.55 -13.30 14.97
C THR A 61 -13.50 -14.73 14.47
N HIS A 62 -14.46 -15.53 14.93
CA HIS A 62 -14.57 -16.92 14.52
C HIS A 62 -15.59 -17.06 13.39
N GLN A 63 -16.38 -16.00 13.19
CA GLN A 63 -17.52 -16.02 12.29
C GLN A 63 -17.16 -16.48 10.88
N THR A 64 -16.10 -15.92 10.32
CA THR A 64 -15.69 -16.24 8.96
C THR A 64 -15.36 -17.73 8.81
N TRP A 65 -14.66 -18.27 9.80
CA TRP A 65 -14.27 -19.67 9.78
C TRP A 65 -15.48 -20.61 9.80
N PHE A 66 -16.47 -20.28 10.62
CA PHE A 66 -17.64 -21.15 10.77
C PHE A 66 -18.64 -20.99 9.62
N GLN A 67 -18.46 -19.96 8.80
CA GLN A 67 -19.39 -19.71 7.70
C GLN A 67 -18.73 -19.82 6.32
N GLN A 68 -17.46 -20.17 6.29
CA GLN A 68 -16.75 -20.31 5.01
C GLN A 68 -15.87 -21.56 4.97
N TYR A 69 -15.19 -21.84 6.07
CA TYR A 69 -14.17 -22.88 6.10
C TYR A 69 -14.67 -24.20 6.70
N ILE A 70 -15.58 -24.11 7.66
CA ILE A 70 -16.00 -25.27 8.42
C ILE A 70 -17.28 -25.91 7.88
N GLY A 71 -17.25 -27.23 7.69
CA GLY A 71 -18.41 -27.96 7.22
C GLY A 71 -18.08 -29.42 6.98
N THR A 72 -19.11 -30.23 6.79
CA THR A 72 -18.91 -31.66 6.54
C THR A 72 -18.33 -31.90 5.16
N ASP A 73 -18.58 -30.97 4.25
CA ASP A 73 -18.07 -31.08 2.88
C ASP A 73 -16.74 -30.36 2.73
N HIS A 74 -16.13 -30.03 3.87
CA HIS A 74 -14.83 -29.37 3.88
C HIS A 74 -13.78 -30.21 4.60
N ALA A 75 -12.53 -29.75 4.55
CA ALA A 75 -11.46 -30.43 5.26
C ALA A 75 -11.65 -30.29 6.76
N LEU A 76 -11.94 -29.08 7.20
CA LEU A 76 -12.29 -28.85 8.60
C LEU A 76 -13.67 -29.42 8.89
N ASP A 77 -13.73 -30.74 9.00
CA ASP A 77 -14.99 -31.46 9.15
C ASP A 77 -15.33 -31.70 10.61
N PRO A 78 -16.42 -31.08 11.08
CA PRO A 78 -16.90 -31.25 12.46
C PRO A 78 -17.46 -32.63 12.71
N SER A 79 -17.56 -33.44 11.66
CA SER A 79 -17.96 -34.83 11.77
C SER A 79 -16.78 -35.70 12.21
N LYS A 80 -15.57 -35.21 11.94
CA LYS A 80 -14.36 -35.94 12.29
C LYS A 80 -13.63 -35.32 13.47
N TYR A 81 -13.51 -33.99 13.45
CA TYR A 81 -12.69 -33.30 14.43
C TYR A 81 -13.48 -32.38 15.35
N PHE A 82 -12.97 -32.19 16.55
CA PHE A 82 -13.48 -31.17 17.47
C PHE A 82 -12.80 -29.85 17.13
N ILE A 83 -13.53 -28.99 16.43
CA ILE A 83 -12.95 -27.74 15.93
C ILE A 83 -13.31 -26.58 16.83
N ILE A 84 -12.28 -26.01 17.48
CA ILE A 84 -12.49 -24.90 18.40
C ILE A 84 -11.72 -23.66 17.96
N SER A 85 -12.42 -22.53 17.94
CA SER A 85 -11.81 -21.26 17.57
C SER A 85 -11.80 -20.30 18.75
N ILE A 86 -10.60 -19.89 19.18
CA ILE A 86 -10.47 -18.99 20.31
C ILE A 86 -10.12 -17.58 19.84
N ASN A 87 -10.94 -16.61 20.23
CA ASN A 87 -10.73 -15.22 19.82
C ASN A 87 -9.52 -14.59 20.51
N GLN A 88 -8.79 -13.77 19.76
CA GLN A 88 -7.63 -13.06 20.29
C GLN A 88 -8.00 -12.18 21.46
N ILE A 89 -7.04 -11.94 22.35
CA ILE A 89 -7.24 -11.02 23.46
C ILE A 89 -7.39 -9.60 22.93
N GLY A 90 -8.49 -8.95 23.29
CA GLY A 90 -8.73 -7.60 22.86
C GLY A 90 -9.30 -7.50 21.46
N ASN A 91 -9.74 -8.64 20.91
CA ASN A 91 -10.28 -8.66 19.56
C ASN A 91 -11.73 -8.19 19.50
N GLY A 92 -12.30 -7.89 20.66
CA GLY A 92 -13.65 -7.39 20.73
C GLY A 92 -14.64 -8.35 21.37
N LEU A 93 -14.37 -9.65 21.22
CA LEU A 93 -15.23 -10.68 21.81
C LEU A 93 -14.64 -11.21 23.12
N SER A 94 -13.34 -11.46 23.12
CA SER A 94 -12.64 -11.81 24.35
C SER A 94 -12.45 -10.56 25.19
N VAL A 95 -11.75 -10.68 26.31
CA VAL A 95 -11.53 -9.53 27.18
C VAL A 95 -10.80 -8.43 26.40
N SER A 96 -11.41 -7.26 26.33
CA SER A 96 -10.96 -6.21 25.43
C SER A 96 -11.01 -4.84 26.11
N PRO A 97 -10.34 -3.83 25.51
CA PRO A 97 -10.39 -2.47 26.05
C PRO A 97 -11.82 -1.94 26.25
N ALA A 98 -12.72 -2.27 25.33
CA ALA A 98 -14.05 -1.70 25.34
C ALA A 98 -15.13 -2.66 25.83
N ASN A 99 -14.76 -3.64 26.65
CA ASN A 99 -15.75 -4.53 27.25
C ASN A 99 -15.33 -5.08 28.60
N THR A 100 -14.12 -4.74 29.03
CA THR A 100 -13.61 -5.25 30.30
C THR A 100 -14.28 -4.55 31.48
N ALA A 101 -14.54 -5.31 32.53
CA ALA A 101 -15.15 -4.77 33.75
C ALA A 101 -14.08 -4.12 34.62
N ASP A 102 -12.83 -4.50 34.39
CA ASP A 102 -11.70 -3.94 35.13
C ASP A 102 -11.46 -2.50 34.71
N ASP A 103 -11.53 -1.57 35.67
CA ASP A 103 -11.36 -0.16 35.39
C ASP A 103 -9.90 0.20 35.19
N SER A 104 -9.01 -0.59 35.76
CA SER A 104 -7.57 -0.31 35.68
C SER A 104 -7.01 -0.56 34.28
N ILE A 105 -7.70 -1.39 33.50
CA ILE A 105 -7.26 -1.71 32.15
C ILE A 105 -8.33 -1.37 31.11
N SER A 106 -9.26 -0.51 31.48
CA SER A 106 -10.37 -0.17 30.59
C SER A 106 -9.95 0.85 29.53
N MET A 107 -10.39 0.60 28.29
CA MET A 107 -10.15 1.50 27.16
C MET A 107 -8.67 1.77 26.92
N SER A 108 -8.28 3.04 27.05
CA SER A 108 -6.91 3.47 26.73
C SER A 108 -5.89 2.99 27.75
N LYS A 109 -6.38 2.36 28.83
CA LYS A 109 -5.49 1.84 29.86
C LYS A 109 -5.23 0.34 29.64
N PHE A 110 -5.78 -0.20 28.56
CA PHE A 110 -5.60 -1.61 28.24
C PHE A 110 -4.16 -1.88 27.85
N PRO A 111 -3.55 -2.92 28.45
CA PRO A 111 -2.13 -3.24 28.26
C PRO A 111 -1.79 -3.74 26.87
N ASN A 112 -0.50 -3.92 26.60
CA ASN A 112 -0.04 -4.45 25.32
C ASN A 112 0.07 -5.97 25.36
N VAL A 113 -0.70 -6.62 24.50
CA VAL A 113 -0.71 -8.07 24.43
C VAL A 113 0.06 -8.56 23.21
N ARG A 114 0.99 -9.48 23.44
CA ARG A 114 1.77 -10.07 22.35
C ARG A 114 1.12 -11.36 21.86
N ILE A 115 1.54 -11.82 20.68
CA ILE A 115 1.07 -13.09 20.14
C ILE A 115 1.34 -14.23 21.11
N GLY A 116 2.48 -14.17 21.77
CA GLY A 116 2.85 -15.18 22.74
C GLY A 116 1.88 -15.24 23.90
N ASP A 117 1.36 -14.09 24.30
CA ASP A 117 0.38 -14.02 25.38
C ASP A 117 -0.90 -14.75 25.02
N ASP A 118 -1.30 -14.65 23.76
CA ASP A 118 -2.48 -15.33 23.26
C ASP A 118 -2.33 -16.84 23.32
N VAL A 119 -1.19 -17.34 22.84
CA VAL A 119 -0.94 -18.77 22.80
C VAL A 119 -0.86 -19.37 24.20
N VAL A 120 -0.23 -18.64 25.12
CA VAL A 120 -0.19 -19.06 26.51
C VAL A 120 -1.61 -19.14 27.07
N ALA A 121 -2.41 -18.12 26.77
CA ALA A 121 -3.80 -18.05 27.22
C ALA A 121 -4.63 -19.18 26.62
N GLN A 122 -4.42 -19.44 25.33
CA GLN A 122 -5.16 -20.47 24.61
C GLN A 122 -4.89 -21.86 25.17
N ASP A 123 -3.61 -22.13 25.46
CA ASP A 123 -3.22 -23.42 26.01
C ASP A 123 -3.88 -23.64 27.37
N ARG A 124 -3.98 -22.58 28.16
CA ARG A 124 -4.60 -22.65 29.47
C ARG A 124 -6.09 -22.95 29.35
N LEU A 125 -6.74 -22.30 28.41
CA LEU A 125 -8.17 -22.52 28.18
C LEU A 125 -8.44 -23.94 27.70
N LEU A 126 -7.62 -24.43 26.78
CA LEU A 126 -7.79 -25.77 26.22
C LEU A 126 -7.66 -26.85 27.28
N ARG A 127 -6.74 -26.64 28.21
CA ARG A 127 -6.52 -27.59 29.30
C ARG A 127 -7.63 -27.49 30.34
N GLN A 128 -7.96 -26.26 30.71
CA GLN A 128 -8.92 -26.00 31.77
C GLN A 128 -10.34 -26.47 31.43
N GLU A 129 -10.76 -26.23 30.19
CA GLU A 129 -12.14 -26.47 29.81
C GLU A 129 -12.37 -27.81 29.11
N PHE A 130 -11.32 -28.37 28.53
CA PHE A 130 -11.48 -29.60 27.76
C PHE A 130 -10.43 -30.67 28.09
N GLY A 131 -9.38 -30.26 28.77
CA GLY A 131 -8.32 -31.19 29.14
C GLY A 131 -7.51 -31.60 27.91
N ILE A 132 -7.46 -30.71 26.93
CA ILE A 132 -6.70 -30.96 25.72
C ILE A 132 -5.25 -30.57 25.89
N THR A 133 -4.35 -31.55 25.70
CA THR A 133 -2.93 -31.30 25.87
C THR A 133 -2.20 -31.40 24.53
N GLU A 134 -2.84 -32.03 23.55
CA GLU A 134 -2.27 -32.14 22.21
C GLU A 134 -3.31 -31.79 21.16
N LEU A 135 -2.87 -31.10 20.11
CA LEU A 135 -3.76 -30.69 19.03
C LEU A 135 -3.50 -31.49 17.76
N PHE A 136 -4.57 -31.96 17.15
CA PHE A 136 -4.49 -32.67 15.88
C PHE A 136 -3.88 -31.75 14.83
N ALA A 137 -4.33 -30.50 14.84
CA ALA A 137 -3.85 -29.52 13.88
C ALA A 137 -4.13 -28.09 14.36
N VAL A 138 -3.32 -27.16 13.91
CA VAL A 138 -3.55 -25.74 14.18
C VAL A 138 -3.63 -24.98 12.87
N VAL A 139 -4.79 -24.38 12.60
CA VAL A 139 -5.01 -23.66 11.35
C VAL A 139 -5.41 -22.21 11.61
N GLY A 140 -4.73 -21.29 10.95
CA GLY A 140 -5.02 -19.87 11.12
C GLY A 140 -4.61 -19.03 9.93
N GLY A 141 -5.27 -17.89 9.77
CA GLY A 141 -4.96 -16.96 8.69
C GLY A 141 -4.46 -15.64 9.21
N SER A 142 -3.56 -15.02 8.45
CA SER A 142 -2.99 -13.71 8.81
C SER A 142 -2.38 -13.73 10.21
N MET A 143 -2.99 -13.03 11.15
CA MET A 143 -2.52 -13.03 12.52
C MET A 143 -2.76 -14.39 13.17
N GLY A 144 -3.71 -15.14 12.62
CA GLY A 144 -3.97 -16.48 13.08
C GLY A 144 -2.82 -17.39 12.68
N ALA A 145 -2.20 -17.08 11.56
CA ALA A 145 -1.02 -17.81 11.11
C ALA A 145 0.16 -17.48 12.01
N GLN A 146 0.23 -16.23 12.47
CA GLN A 146 1.26 -15.83 13.42
C GLN A 146 1.13 -16.62 14.71
N GLN A 147 -0.10 -16.79 15.18
CA GLN A 147 -0.36 -17.57 16.38
C GLN A 147 -0.09 -19.04 16.13
N THR A 148 -0.31 -19.47 14.89
CA THR A 148 0.00 -20.84 14.49
C THR A 148 1.49 -21.10 14.59
N TYR A 149 2.29 -20.16 14.09
CA TYR A 149 3.74 -20.26 14.18
C TYR A 149 4.20 -20.25 15.63
N GLU A 150 3.62 -19.36 16.43
CA GLU A 150 3.98 -19.26 17.83
C GLU A 150 3.66 -20.56 18.58
N TRP A 151 2.54 -21.18 18.21
CA TRP A 151 2.12 -22.44 18.84
C TRP A 151 3.13 -23.56 18.61
N ILE A 152 3.52 -23.76 17.35
CA ILE A 152 4.40 -24.87 17.00
C ILE A 152 5.85 -24.63 17.40
N VAL A 153 6.17 -23.41 17.78
CA VAL A 153 7.53 -23.08 18.22
C VAL A 153 7.62 -23.10 19.75
N ARG A 154 6.62 -22.54 20.41
CA ARG A 154 6.61 -22.47 21.88
C ARG A 154 6.27 -23.82 22.51
N PHE A 155 5.22 -24.47 22.00
CA PHE A 155 4.84 -25.80 22.47
C PHE A 155 4.99 -26.81 21.34
N PRO A 156 6.23 -27.22 21.04
CA PRO A 156 6.50 -28.06 19.86
C PRO A 156 5.83 -29.43 19.93
N ASP A 157 5.77 -30.01 21.13
CA ASP A 157 5.25 -31.36 21.29
C ASP A 157 3.74 -31.42 21.48
N GLN A 158 3.09 -30.27 21.40
CA GLN A 158 1.65 -30.21 21.62
C GLN A 158 0.86 -30.07 20.32
N VAL A 159 1.59 -29.94 19.22
CA VAL A 159 0.95 -29.77 17.90
C VAL A 159 1.46 -30.82 16.91
N HIS A 160 0.52 -31.50 16.24
CA HIS A 160 0.88 -32.51 15.26
C HIS A 160 0.94 -31.94 13.85
N ARG A 161 -0.02 -31.07 13.52
CA ARG A 161 -0.06 -30.46 12.20
C ARG A 161 -0.32 -28.97 12.29
N ALA A 162 0.25 -28.21 11.35
CA ALA A 162 0.11 -26.77 11.34
C ALA A 162 -0.18 -26.26 9.93
N ALA A 163 -1.07 -25.28 9.83
CA ALA A 163 -1.41 -24.70 8.54
C ALA A 163 -1.47 -23.18 8.63
N PRO A 164 -0.30 -22.53 8.67
CA PRO A 164 -0.25 -21.07 8.66
C PRO A 164 -0.59 -20.51 7.29
N ILE A 165 -1.76 -19.88 7.17
CA ILE A 165 -2.21 -19.35 5.89
C ILE A 165 -2.04 -17.85 5.80
N ALA A 166 -1.30 -17.41 4.78
CA ALA A 166 -1.09 -16.00 4.51
C ALA A 166 -0.57 -15.24 5.74
N GLY A 167 0.59 -15.65 6.23
CA GLY A 167 1.18 -15.00 7.39
C GLY A 167 2.61 -15.44 7.64
N THR A 168 3.38 -14.59 8.32
CA THR A 168 4.77 -14.90 8.61
C THR A 168 4.99 -15.23 10.08
N ALA A 169 6.13 -15.84 10.38
CA ALA A 169 6.48 -16.19 11.76
C ALA A 169 7.19 -15.03 12.45
N LYS A 170 7.95 -14.27 11.67
CA LYS A 170 8.62 -13.07 12.18
C LYS A 170 8.26 -11.87 11.32
N ASN A 171 7.70 -10.84 11.95
CA ASN A 171 7.20 -9.68 11.23
C ASN A 171 8.31 -8.90 10.53
N THR A 172 8.13 -8.66 9.25
CA THR A 172 9.10 -7.92 8.44
C THR A 172 8.89 -6.41 8.60
N PRO A 173 9.94 -5.61 8.42
CA PRO A 173 9.88 -4.15 8.59
C PRO A 173 8.79 -3.48 7.74
N HIS A 174 8.52 -4.00 6.56
CA HIS A 174 7.48 -3.43 5.71
C HIS A 174 6.10 -3.61 6.33
N ASP A 175 5.86 -4.77 6.95
CA ASP A 175 4.58 -5.03 7.60
C ASP A 175 4.33 -4.02 8.72
N PHE A 176 5.41 -3.67 9.43
CA PHE A 176 5.33 -2.70 10.50
C PHE A 176 4.90 -1.34 9.98
N ILE A 177 5.56 -0.90 8.90
CA ILE A 177 5.27 0.40 8.30
C ILE A 177 3.82 0.51 7.83
N PHE A 178 3.37 -0.51 7.10
CA PHE A 178 2.00 -0.55 6.63
C PHE A 178 1.01 -0.48 7.78
N THR A 179 1.23 -1.28 8.81
CA THR A 179 0.34 -1.32 9.97
C THR A 179 0.32 0.03 10.69
N GLN A 180 1.45 0.73 10.64
CA GLN A 180 1.53 2.04 11.28
C GLN A 180 0.60 3.04 10.61
N THR A 181 0.52 2.98 9.29
CA THR A 181 -0.37 3.89 8.55
C THR A 181 -1.83 3.61 8.90
N LEU A 182 -2.13 2.34 9.17
CA LEU A 182 -3.47 1.96 9.60
C LEU A 182 -3.84 2.61 10.92
N ASN A 183 -2.91 2.58 11.86
CA ASN A 183 -3.13 3.14 13.18
C ASN A 183 -3.21 4.66 13.16
N GLU A 184 -2.39 5.29 12.33
CA GLU A 184 -2.33 6.75 12.27
C GLU A 184 -3.65 7.39 11.86
N THR A 185 -4.26 6.90 10.78
CA THR A 185 -5.47 7.54 10.27
C THR A 185 -6.63 7.39 11.25
N VAL A 186 -6.56 6.36 12.10
CA VAL A 186 -7.57 6.17 13.13
C VAL A 186 -7.33 7.13 14.28
N GLU A 187 -6.09 7.23 14.72
CA GLU A 187 -5.71 8.16 15.77
C GLU A 187 -5.80 9.61 15.30
N ALA A 188 -5.83 9.80 13.98
CA ALA A 188 -5.95 11.13 13.40
C ALA A 188 -7.34 11.71 13.63
N ASP A 189 -8.33 10.83 13.77
CA ASP A 189 -9.70 11.25 14.05
C ASP A 189 -9.76 11.89 15.43
N PRO A 190 -10.25 13.14 15.49
CA PRO A 190 -10.40 13.83 16.78
C PRO A 190 -11.43 13.15 17.68
N GLY A 191 -12.40 12.47 17.06
CA GLY A 191 -13.42 11.77 17.80
C GLY A 191 -12.87 10.59 18.59
N PHE A 192 -11.68 10.15 18.20
CA PHE A 192 -11.00 9.05 18.88
C PHE A 192 -10.69 9.41 20.33
N ASN A 193 -10.34 10.68 20.54
CA ASN A 193 -10.13 11.23 21.88
C ASN A 193 -9.12 10.45 22.72
N GLY A 194 -8.00 10.09 22.10
CA GLY A 194 -6.92 9.42 22.78
C GLY A 194 -7.31 8.08 23.40
N GLY A 195 -8.29 7.42 22.80
CA GLY A 195 -8.70 6.10 23.26
C GLY A 195 -9.82 6.16 24.27
N GLU A 196 -10.25 7.36 24.61
CA GLU A 196 -11.33 7.55 25.57
C GLU A 196 -12.58 8.12 24.90
N TYR A 197 -13.07 7.41 23.89
CA TYR A 197 -14.30 7.78 23.20
C TYR A 197 -15.49 7.13 23.89
N SER A 198 -16.69 7.64 23.60
CA SER A 198 -17.91 7.11 24.20
C SER A 198 -18.60 6.13 23.25
N SER A 199 -18.30 6.25 21.97
CA SER A 199 -18.87 5.35 20.96
C SER A 199 -17.96 5.20 19.76
N HIS A 200 -18.01 4.04 19.12
CA HIS A 200 -17.21 3.78 17.93
C HIS A 200 -17.71 4.61 16.76
N GLU A 201 -18.94 5.11 16.89
CA GLU A 201 -19.53 5.94 15.85
C GLU A 201 -18.91 7.33 15.80
N GLU A 202 -18.18 7.67 16.87
CA GLU A 202 -17.49 8.95 16.93
C GLU A 202 -16.20 8.92 16.12
N VAL A 203 -15.64 7.73 15.97
CA VAL A 203 -14.40 7.55 15.21
C VAL A 203 -14.72 6.96 13.84
N ALA A 204 -15.87 7.34 13.30
CA ALA A 204 -16.35 6.79 12.04
C ALA A 204 -15.44 7.14 10.87
N ASP A 205 -14.92 8.36 10.88
CA ASP A 205 -14.07 8.84 9.79
C ASP A 205 -12.76 8.07 9.73
N GLY A 206 -12.16 7.85 10.89
CA GLY A 206 -10.90 7.13 10.98
C GLY A 206 -11.04 5.68 10.54
N LEU A 207 -12.16 5.07 10.94
CA LEU A 207 -12.41 3.68 10.57
C LEU A 207 -12.60 3.54 9.06
N ARG A 208 -13.31 4.50 8.47
CA ARG A 208 -13.52 4.49 7.03
C ARG A 208 -12.22 4.68 6.28
N ARG A 209 -11.34 5.54 6.80
CA ARG A 209 -10.04 5.78 6.17
C ARG A 209 -9.20 4.51 6.17
N GLN A 210 -9.25 3.76 7.26
CA GLN A 210 -8.51 2.50 7.35
C GLN A 210 -9.07 1.49 6.34
N SER A 211 -10.39 1.51 6.17
CA SER A 211 -11.05 0.66 5.19
C SER A 211 -10.47 0.87 3.80
N HIS A 212 -10.29 2.12 3.43
CA HIS A 212 -9.73 2.46 2.12
C HIS A 212 -8.27 2.03 2.03
N LEU A 213 -7.56 2.09 3.14
CA LEU A 213 -6.18 1.64 3.20
C LEU A 213 -6.07 0.14 2.94
N TRP A 214 -7.10 -0.59 3.37
CA TRP A 214 -7.15 -2.03 3.13
C TRP A 214 -7.50 -2.33 1.69
N ALA A 215 -8.30 -1.46 1.07
CA ALA A 215 -8.65 -1.63 -0.32
C ALA A 215 -7.42 -1.45 -1.21
N ALA A 216 -6.46 -0.69 -0.72
CA ALA A 216 -5.26 -0.37 -1.49
C ALA A 216 -4.19 -1.45 -1.36
N MET A 217 -4.13 -2.09 -0.20
CA MET A 217 -3.06 -3.04 0.10
C MET A 217 -3.57 -4.48 0.27
N GLY A 218 -4.80 -4.61 0.75
CA GLY A 218 -5.35 -5.91 1.09
C GLY A 218 -5.80 -6.77 -0.08
N PHE A 219 -5.82 -6.19 -1.28
CA PHE A 219 -6.16 -6.95 -2.47
C PHE A 219 -4.96 -7.08 -3.40
N SER A 220 -5.20 -6.83 -4.69
CA SER A 220 -4.14 -6.84 -5.68
C SER A 220 -4.52 -5.92 -6.83
N THR A 221 -3.54 -5.48 -7.60
CA THR A 221 -3.79 -4.58 -8.72
C THR A 221 -4.69 -5.26 -9.75
N GLU A 222 -4.52 -6.56 -9.92
CA GLU A 222 -5.31 -7.30 -10.90
C GLU A 222 -6.74 -7.51 -10.42
N PHE A 223 -6.91 -7.59 -9.11
CA PHE A 223 -8.24 -7.73 -8.52
C PHE A 223 -9.14 -6.58 -8.96
N TRP A 224 -8.61 -5.37 -8.91
CA TRP A 224 -9.37 -4.18 -9.30
C TRP A 224 -9.42 -4.01 -10.80
N LYS A 225 -8.33 -4.35 -11.48
CA LYS A 225 -8.23 -4.16 -12.92
C LYS A 225 -9.17 -5.09 -13.68
N GLN A 226 -9.41 -6.27 -13.11
CA GLN A 226 -10.29 -7.24 -13.75
C GLN A 226 -11.69 -7.20 -13.16
N GLU A 227 -11.90 -6.27 -12.22
CA GLU A 227 -13.20 -6.09 -11.55
C GLU A 227 -13.72 -7.41 -11.00
N ALA A 228 -12.86 -8.11 -10.25
CA ALA A 228 -13.19 -9.41 -9.68
C ALA A 228 -14.28 -9.30 -8.61
N TRP A 229 -14.62 -8.07 -8.24
CA TRP A 229 -15.66 -7.85 -7.24
C TRP A 229 -17.06 -8.05 -7.82
N ARG A 230 -17.15 -8.27 -9.12
CA ARG A 230 -18.44 -8.44 -9.78
C ARG A 230 -19.14 -9.72 -9.36
N ARG A 231 -18.35 -10.77 -9.07
CA ARG A 231 -18.93 -12.04 -8.67
C ARG A 231 -19.51 -11.96 -7.26
N LEU A 232 -19.19 -10.88 -6.55
CA LEU A 232 -19.75 -10.64 -5.22
C LEU A 232 -21.08 -9.91 -5.31
N GLY A 233 -21.47 -9.57 -6.54
CA GLY A 233 -22.75 -8.92 -6.77
C GLY A 233 -22.74 -7.43 -6.47
N LEU A 234 -21.58 -6.82 -6.63
CA LEU A 234 -21.45 -5.38 -6.41
C LEU A 234 -21.44 -4.63 -7.73
N GLU A 235 -22.07 -3.46 -7.74
CA GLU A 235 -22.27 -2.70 -8.97
C GLU A 235 -20.99 -2.08 -9.51
N SER A 236 -20.34 -1.27 -8.70
CA SER A 236 -19.14 -0.55 -9.15
C SER A 236 -17.98 -0.69 -8.17
N LYS A 237 -16.83 -0.17 -8.58
CA LYS A 237 -15.65 -0.14 -7.74
C LYS A 237 -15.92 0.63 -6.44
N GLU A 238 -16.62 1.75 -6.58
CA GLU A 238 -16.94 2.60 -5.43
C GLU A 238 -17.91 1.89 -4.49
N SER A 239 -18.78 1.05 -5.06
CA SER A 239 -19.74 0.29 -4.28
C SER A 239 -19.03 -0.74 -3.38
N VAL A 240 -17.87 -1.22 -3.83
CA VAL A 240 -17.09 -2.17 -3.05
C VAL A 240 -16.68 -1.58 -1.71
N LEU A 241 -16.37 -0.29 -1.72
CA LEU A 241 -15.99 0.41 -0.51
C LEU A 241 -17.23 0.81 0.30
N ALA A 242 -18.09 1.61 -0.33
CA ALA A 242 -19.22 2.24 0.34
C ALA A 242 -20.25 1.25 0.87
N ASP A 243 -20.39 0.09 0.22
CA ASP A 243 -21.45 -0.85 0.56
C ASP A 243 -20.95 -2.14 1.18
N PHE A 244 -19.63 -2.27 1.32
CA PHE A 244 -19.07 -3.50 1.87
C PHE A 244 -17.95 -3.23 2.89
N LEU A 245 -16.82 -2.73 2.40
CA LEU A 245 -15.65 -2.52 3.25
C LEU A 245 -15.86 -1.42 4.29
N ASP A 246 -16.33 -0.26 3.85
CA ASP A 246 -16.56 0.87 4.78
C ASP A 246 -17.56 0.54 5.90
N PRO A 247 -18.72 -0.08 5.56
CA PRO A 247 -19.62 -0.42 6.67
C PRO A 247 -19.03 -1.41 7.66
N LEU A 248 -18.15 -2.28 7.15
CA LEU A 248 -17.54 -3.31 7.98
C LEU A 248 -16.64 -2.70 9.05
N PHE A 249 -15.68 -1.88 8.62
CA PHE A 249 -14.72 -1.29 9.55
C PHE A 249 -15.35 -0.25 10.46
N MET A 250 -16.33 0.48 9.95
CA MET A 250 -17.00 1.50 10.74
C MET A 250 -17.83 0.87 11.87
N SER A 251 -18.02 -0.44 11.81
CA SER A 251 -18.78 -1.16 12.82
C SER A 251 -17.89 -1.67 13.95
N MET A 252 -16.58 -1.45 13.81
CA MET A 252 -15.61 -2.02 14.74
C MET A 252 -15.17 -1.03 15.81
N ASP A 253 -14.51 -1.56 16.84
CA ASP A 253 -14.01 -0.74 17.95
C ASP A 253 -12.55 -0.35 17.72
N PRO A 254 -12.27 0.97 17.68
CA PRO A 254 -10.93 1.49 17.43
C PRO A 254 -9.88 0.96 18.41
N ASN A 255 -10.18 0.94 19.70
CA ASN A 255 -9.24 0.45 20.69
C ASN A 255 -8.90 -1.02 20.46
N THR A 256 -9.90 -1.80 20.08
CA THR A 256 -9.71 -3.21 19.76
C THR A 256 -8.78 -3.36 18.57
N LEU A 257 -9.02 -2.57 17.52
CA LEU A 257 -8.17 -2.61 16.33
C LEU A 257 -6.74 -2.22 16.64
N LEU A 258 -6.57 -1.12 17.36
CA LEU A 258 -5.24 -0.63 17.72
C LEU A 258 -4.47 -1.64 18.55
N ASN A 259 -5.18 -2.36 19.41
CA ASN A 259 -4.56 -3.37 20.25
C ASN A 259 -4.03 -4.53 19.43
N ASN A 260 -4.88 -5.11 18.59
CA ASN A 260 -4.48 -6.22 17.75
C ASN A 260 -3.44 -5.82 16.71
N ALA A 261 -3.48 -4.55 16.30
CA ALA A 261 -2.51 -4.03 15.34
C ALA A 261 -1.11 -4.01 15.94
N TRP A 262 -1.02 -3.63 17.22
CA TRP A 262 0.25 -3.64 17.92
C TRP A 262 0.79 -5.06 18.03
N LYS A 263 -0.09 -5.97 18.42
CA LYS A 263 0.24 -7.39 18.54
C LYS A 263 0.82 -7.92 17.24
N TRP A 264 0.17 -7.54 16.15
CA TRP A 264 0.59 -7.87 14.80
C TRP A 264 1.99 -7.32 14.52
N GLN A 265 2.23 -6.08 14.93
CA GLN A 265 3.50 -5.41 14.65
C GLN A 265 4.71 -6.02 15.36
N HIS A 266 4.46 -6.83 16.39
CA HIS A 266 5.56 -7.38 17.17
C HIS A 266 5.59 -8.91 17.16
N GLY A 267 5.01 -9.51 16.13
CA GLY A 267 5.07 -10.95 15.96
C GLY A 267 6.49 -11.40 15.68
N ASP A 268 7.02 -12.23 16.57
CA ASP A 268 8.41 -12.66 16.46
C ASP A 268 8.65 -13.96 17.23
N VAL A 269 8.68 -15.08 16.51
CA VAL A 269 8.87 -16.38 17.15
C VAL A 269 10.34 -16.64 17.46
N SER A 270 11.20 -15.73 16.98
CA SER A 270 12.62 -15.86 17.21
C SER A 270 13.01 -15.30 18.58
N ARG A 271 12.02 -14.79 19.31
CA ARG A 271 12.22 -14.32 20.67
C ARG A 271 12.62 -15.48 21.57
N HIS A 272 12.22 -16.69 21.20
CA HIS A 272 12.52 -17.89 21.96
C HIS A 272 13.97 -18.31 21.80
N THR A 273 14.63 -17.79 20.78
CA THR A 273 16.00 -18.20 20.47
C THR A 273 16.94 -17.00 20.32
N GLY A 274 16.62 -15.91 21.01
CA GLY A 274 17.48 -14.74 21.05
C GLY A 274 17.59 -13.99 19.74
N GLY A 275 16.71 -14.30 18.80
CA GLY A 275 16.69 -13.60 17.52
C GLY A 275 16.93 -14.51 16.33
N ASP A 276 17.57 -15.65 16.58
CA ASP A 276 17.85 -16.61 15.52
C ASP A 276 16.57 -17.28 15.05
N LEU A 277 16.04 -16.79 13.94
CA LEU A 277 14.80 -17.34 13.39
C LEU A 277 14.98 -18.77 12.89
N ALA A 278 16.14 -19.03 12.29
CA ALA A 278 16.45 -20.36 11.77
C ALA A 278 16.45 -21.39 12.90
N ALA A 279 17.00 -20.99 14.04
CA ALA A 279 17.05 -21.86 15.22
C ALA A 279 15.66 -22.04 15.82
N ALA A 280 14.85 -20.99 15.76
CA ALA A 280 13.50 -21.03 16.31
C ALA A 280 12.62 -21.99 15.52
N LEU A 281 12.58 -21.83 14.20
CA LEU A 281 11.76 -22.68 13.35
C LEU A 281 12.34 -24.08 13.26
N GLY A 282 13.58 -24.25 13.70
CA GLY A 282 14.20 -25.56 13.76
C GLY A 282 13.57 -26.42 14.83
N ARG A 283 12.98 -25.77 15.82
CA ARG A 283 12.30 -26.46 16.92
C ARG A 283 11.02 -27.14 16.47
N VAL A 284 10.48 -26.68 15.34
CA VAL A 284 9.20 -27.17 14.85
C VAL A 284 9.21 -28.67 14.59
N LYS A 285 8.29 -29.37 15.24
CA LYS A 285 8.15 -30.81 15.10
C LYS A 285 6.89 -31.16 14.33
N ALA A 286 5.91 -30.26 14.37
CA ALA A 286 4.63 -30.46 13.68
C ALA A 286 4.79 -30.47 12.17
N LYS A 287 3.95 -31.25 11.50
CA LYS A 287 3.90 -31.26 10.04
C LYS A 287 3.27 -29.96 9.56
N THR A 288 4.06 -29.12 8.90
CA THR A 288 3.62 -27.78 8.58
C THR A 288 3.42 -27.56 7.08
N PHE A 289 2.29 -26.96 6.72
CA PHE A 289 2.04 -26.53 5.34
C PHE A 289 1.96 -25.01 5.28
N VAL A 290 3.07 -24.37 4.93
CA VAL A 290 3.08 -22.92 4.74
C VAL A 290 2.28 -22.56 3.48
N MET A 291 1.16 -21.87 3.67
CA MET A 291 0.26 -21.58 2.55
C MET A 291 -0.01 -20.10 2.37
N PRO A 292 0.89 -19.40 1.68
CA PRO A 292 0.68 -17.98 1.36
C PRO A 292 -0.28 -17.81 0.19
N ILE A 293 -0.85 -16.63 0.04
CA ILE A 293 -1.70 -16.34 -1.10
C ILE A 293 -0.85 -15.69 -2.20
N SER A 294 -1.02 -16.17 -3.43
CA SER A 294 -0.17 -15.78 -4.55
C SER A 294 -0.02 -14.26 -4.73
N GLU A 295 -1.13 -13.53 -4.63
CA GLU A 295 -1.12 -12.10 -4.89
C GLU A 295 -1.10 -11.25 -3.61
N ASP A 296 -0.80 -11.90 -2.48
CA ASP A 296 -0.73 -11.21 -1.19
C ASP A 296 0.32 -10.11 -1.24
N MET A 297 -0.11 -8.87 -1.05
CA MET A 297 0.78 -7.72 -1.19
C MET A 297 1.73 -7.51 -0.01
N PHE A 298 1.25 -7.70 1.22
CA PHE A 298 2.09 -7.43 2.38
C PHE A 298 2.51 -8.71 3.10
N PHE A 299 2.02 -9.85 2.63
CA PHE A 299 2.54 -11.15 3.05
C PHE A 299 2.92 -11.98 1.84
N PRO A 300 3.89 -11.49 1.04
CA PRO A 300 4.18 -12.11 -0.25
C PRO A 300 4.76 -13.51 -0.12
N VAL A 301 4.67 -14.29 -1.19
CA VAL A 301 5.15 -15.67 -1.20
C VAL A 301 6.62 -15.75 -0.85
N ARG A 302 7.44 -14.86 -1.41
CA ARG A 302 8.88 -14.87 -1.16
C ARG A 302 9.21 -14.77 0.32
N ASP A 303 8.42 -13.99 1.06
CA ASP A 303 8.62 -13.86 2.50
C ASP A 303 8.27 -15.14 3.22
N CYS A 304 7.14 -15.75 2.84
CA CYS A 304 6.68 -16.99 3.44
C CYS A 304 7.53 -18.17 3.01
N ALA A 305 7.97 -18.16 1.76
CA ALA A 305 8.82 -19.23 1.23
C ALA A 305 10.17 -19.26 1.94
N ALA A 306 10.65 -18.08 2.32
CA ALA A 306 11.91 -17.96 3.03
C ALA A 306 11.84 -18.65 4.39
N GLU A 307 10.70 -18.48 5.07
CA GLU A 307 10.51 -19.09 6.37
C GLU A 307 10.28 -20.58 6.24
N GLN A 308 9.57 -20.99 5.19
CA GLN A 308 9.26 -22.39 4.97
C GLN A 308 10.53 -23.21 4.77
N ALA A 309 11.57 -22.57 4.24
CA ALA A 309 12.84 -23.24 4.00
C ALA A 309 13.62 -23.48 5.29
N LEU A 310 13.09 -22.97 6.40
CA LEU A 310 13.74 -23.12 7.70
C LEU A 310 13.00 -24.14 8.57
N ILE A 311 11.77 -24.47 8.17
CA ILE A 311 10.96 -25.41 8.91
C ILE A 311 11.16 -26.83 8.40
N PRO A 312 11.79 -27.68 9.22
CA PRO A 312 12.13 -29.05 8.83
C PRO A 312 10.92 -29.93 8.56
N GLY A 313 10.89 -30.57 7.39
CA GLY A 313 9.82 -31.49 7.04
C GLY A 313 8.57 -30.79 6.57
N SER A 314 8.65 -29.49 6.38
CA SER A 314 7.50 -28.71 5.95
C SER A 314 7.36 -28.68 4.43
N GLU A 315 6.22 -28.19 3.95
CA GLU A 315 5.98 -28.04 2.53
C GLU A 315 5.40 -26.66 2.23
N LEU A 316 5.59 -26.18 1.00
CA LEU A 316 5.05 -24.90 0.59
C LEU A 316 3.89 -25.09 -0.38
N ARG A 317 2.70 -24.70 0.04
CA ARG A 317 1.51 -24.83 -0.81
C ARG A 317 0.90 -23.46 -1.08
N VAL A 318 1.36 -22.81 -2.14
CA VAL A 318 0.87 -21.48 -2.50
C VAL A 318 -0.59 -21.53 -2.97
N ILE A 319 -1.43 -20.69 -2.38
CA ILE A 319 -2.83 -20.60 -2.78
C ILE A 319 -3.01 -19.53 -3.86
N GLU A 320 -3.48 -19.96 -5.03
CA GLU A 320 -3.69 -19.03 -6.14
C GLU A 320 -4.99 -18.26 -5.97
N ASP A 321 -4.87 -16.96 -5.71
CA ASP A 321 -6.05 -16.11 -5.56
C ASP A 321 -5.74 -14.67 -5.96
N ILE A 322 -6.50 -14.16 -6.91
CA ILE A 322 -6.30 -12.81 -7.43
C ILE A 322 -6.62 -11.75 -6.36
N ALA A 323 -7.45 -12.12 -5.39
CA ALA A 323 -7.92 -11.18 -4.38
C ALA A 323 -6.86 -10.87 -3.33
N GLY A 324 -5.71 -11.52 -3.42
CA GLY A 324 -4.62 -11.29 -2.49
C GLY A 324 -4.99 -11.64 -1.06
N HIS A 325 -4.48 -10.85 -0.12
CA HIS A 325 -4.63 -11.14 1.31
C HIS A 325 -6.09 -11.29 1.74
N LEU A 326 -6.96 -10.41 1.23
CA LEU A 326 -8.37 -10.46 1.61
C LEU A 326 -9.10 -11.60 0.91
N GLY A 327 -8.34 -12.46 0.24
CA GLY A 327 -8.88 -13.68 -0.32
C GLY A 327 -9.29 -14.64 0.78
N LEU A 328 -8.77 -14.39 1.98
CA LEU A 328 -9.13 -15.14 3.18
C LEU A 328 -10.63 -15.08 3.47
N PHE A 329 -11.30 -14.07 2.93
CA PHE A 329 -12.73 -13.90 3.13
C PHE A 329 -13.55 -14.80 2.20
N ASN A 330 -12.85 -15.62 1.42
CA ASN A 330 -13.48 -16.49 0.42
C ASN A 330 -14.32 -15.68 -0.56
N VAL A 331 -13.66 -14.80 -1.31
CA VAL A 331 -14.34 -13.98 -2.29
C VAL A 331 -14.05 -14.48 -3.70
N SER A 332 -13.20 -15.50 -3.79
CA SER A 332 -12.89 -16.12 -5.07
C SER A 332 -13.55 -17.48 -5.17
N GLU A 333 -13.79 -17.94 -6.39
CA GLU A 333 -14.52 -19.19 -6.61
C GLU A 333 -13.66 -20.40 -6.26
N ASN A 334 -12.38 -20.34 -6.58
CA ASN A 334 -11.50 -21.49 -6.39
C ASN A 334 -10.68 -21.42 -5.11
N TYR A 335 -11.03 -20.50 -4.21
CA TYR A 335 -10.25 -20.33 -2.99
C TYR A 335 -10.41 -21.52 -2.05
N ILE A 336 -11.62 -21.71 -1.52
CA ILE A 336 -11.90 -22.82 -0.60
C ILE A 336 -11.52 -24.21 -1.15
N PRO A 337 -11.81 -24.48 -2.44
CA PRO A 337 -11.34 -25.77 -2.99
C PRO A 337 -9.85 -26.02 -2.78
N GLN A 338 -9.02 -25.02 -3.02
CA GLN A 338 -7.58 -25.14 -2.81
C GLN A 338 -7.26 -25.37 -1.33
N ILE A 339 -7.91 -24.59 -0.46
CA ILE A 339 -7.72 -24.71 0.97
C ILE A 339 -8.06 -26.12 1.45
N ASP A 340 -9.20 -26.64 1.00
CA ASP A 340 -9.64 -27.96 1.43
C ASP A 340 -8.73 -29.07 0.93
N LYS A 341 -8.27 -28.95 -0.32
CA LYS A 341 -7.39 -29.96 -0.90
C LYS A 341 -6.10 -30.09 -0.10
N ASN A 342 -5.47 -28.96 0.19
CA ASN A 342 -4.22 -28.96 0.94
C ASN A 342 -4.39 -29.43 2.38
N LEU A 343 -5.46 -28.96 3.03
CA LEU A 343 -5.72 -29.33 4.42
C LEU A 343 -6.04 -30.82 4.55
N LYS A 344 -6.75 -31.37 3.58
CA LYS A 344 -7.05 -32.79 3.59
C LYS A 344 -5.77 -33.61 3.49
N GLU A 345 -4.89 -33.22 2.58
CA GLU A 345 -3.60 -33.89 2.43
C GLU A 345 -2.77 -33.78 3.70
N LEU A 346 -2.85 -32.63 4.35
CA LEU A 346 -2.15 -32.42 5.61
C LEU A 346 -2.71 -33.32 6.70
N PHE A 347 -4.04 -33.45 6.73
CA PHE A 347 -4.71 -34.23 7.76
C PHE A 347 -4.52 -35.74 7.55
N GLU A 348 -4.18 -36.12 6.32
CA GLU A 348 -3.94 -37.53 6.00
C GLU A 348 -2.60 -38.00 6.54
N SER A 349 -1.55 -37.21 6.32
CA SER A 349 -0.21 -37.55 6.78
C SER A 349 -0.11 -37.46 8.30
N MET B 1 -1.45 34.09 -2.08
CA MET B 1 -0.07 33.79 -2.41
C MET B 1 0.76 33.58 -1.14
N LEU B 2 1.29 32.37 -0.98
CA LEU B 2 2.01 32.00 0.23
C LEU B 2 3.52 31.96 0.00
N ASP B 3 4.27 31.83 1.09
CA ASP B 3 5.73 31.76 1.01
C ASP B 3 6.26 30.43 1.51
N ASN B 4 6.89 29.68 0.62
CA ASN B 4 7.52 28.41 0.97
C ASN B 4 8.92 28.34 0.40
N SER B 5 9.92 28.30 1.27
CA SER B 5 11.32 28.29 0.86
C SER B 5 11.67 27.06 0.01
N PHE B 6 10.86 26.01 0.12
CA PHE B 6 11.07 24.80 -0.66
C PHE B 6 10.92 25.05 -2.16
N TYR B 7 9.88 25.80 -2.53
CA TYR B 7 9.62 26.08 -3.93
C TYR B 7 10.37 27.33 -4.40
N THR B 8 11.69 27.30 -4.27
CA THR B 8 12.53 28.40 -4.72
C THR B 8 13.69 27.87 -5.56
N ALA B 9 14.37 28.77 -6.26
CA ALA B 9 15.51 28.39 -7.08
C ALA B 9 16.67 27.94 -6.21
N GLU B 10 16.71 28.44 -4.98
CA GLU B 10 17.79 28.12 -4.05
C GLU B 10 17.77 26.64 -3.66
N VAL B 11 16.62 26.01 -3.81
CA VAL B 11 16.46 24.62 -3.43
C VAL B 11 16.31 23.70 -4.64
N GLN B 12 15.46 24.11 -5.59
CA GLN B 12 15.18 23.29 -6.75
C GLN B 12 16.20 23.49 -7.88
N GLY B 13 17.04 24.50 -7.73
CA GLY B 13 18.01 24.82 -8.77
C GLY B 13 17.49 25.94 -9.66
N PRO B 14 18.38 26.49 -10.49
CA PRO B 14 18.04 27.61 -11.39
C PRO B 14 16.96 27.23 -12.40
N TYR B 15 16.04 28.17 -12.67
CA TYR B 15 15.00 27.96 -13.66
C TYR B 15 14.36 29.28 -14.08
N GLU B 16 13.79 29.31 -15.27
CA GLU B 16 13.12 30.50 -15.78
C GLU B 16 11.61 30.29 -15.83
N THR B 17 10.87 31.39 -15.87
CA THR B 17 9.41 31.32 -15.95
C THR B 17 8.87 32.22 -17.06
N ALA B 18 8.19 31.61 -18.03
CA ALA B 18 7.55 32.35 -19.11
C ALA B 18 6.05 32.11 -19.10
N SER B 19 5.29 33.06 -19.64
CA SER B 19 3.84 32.92 -19.71
C SER B 19 3.38 32.60 -21.12
N ILE B 20 2.43 31.67 -21.24
CA ILE B 20 1.90 31.28 -22.53
C ILE B 20 0.53 31.91 -22.78
N GLY B 21 0.07 32.69 -21.81
CA GLY B 21 -1.20 33.41 -21.95
C GLY B 21 -2.39 32.66 -21.42
N ARG B 22 -3.56 32.93 -22.02
N ARG B 22 -3.55 32.92 -22.04
CA ARG B 22 -4.80 32.30 -21.59
CA ARG B 22 -4.82 32.30 -21.63
C ARG B 22 -4.81 30.82 -21.95
C ARG B 22 -4.86 30.81 -21.97
N LEU B 23 -5.11 29.98 -20.96
CA LEU B 23 -5.19 28.55 -21.16
C LEU B 23 -6.55 28.01 -20.70
N GLU B 24 -7.36 27.57 -21.65
CA GLU B 24 -8.66 27.00 -21.32
C GLU B 24 -8.52 25.50 -21.05
N LEU B 25 -8.86 25.10 -19.83
CA LEU B 25 -8.70 23.71 -19.41
C LEU B 25 -9.83 22.82 -19.95
N GLU B 26 -9.56 21.53 -20.02
CA GLU B 26 -10.53 20.57 -20.55
C GLU B 26 -11.73 20.42 -19.60
N GLU B 27 -11.47 20.49 -18.30
CA GLU B 27 -12.50 20.29 -17.30
C GLU B 27 -13.45 21.48 -17.21
N GLY B 28 -13.13 22.55 -17.93
CA GLY B 28 -13.99 23.71 -17.99
C GLY B 28 -13.33 24.99 -17.50
N GLY B 29 -12.47 24.85 -16.49
CA GLY B 29 -11.81 26.00 -15.89
C GLY B 29 -10.90 26.76 -16.83
N VAL B 30 -10.55 27.98 -16.44
CA VAL B 30 -9.67 28.82 -17.25
C VAL B 30 -8.58 29.47 -16.40
N ILE B 31 -7.34 29.37 -16.87
CA ILE B 31 -6.23 30.08 -16.26
C ILE B 31 -5.85 31.28 -17.13
N GLU B 32 -6.27 32.47 -16.71
CA GLU B 32 -6.06 33.68 -17.49
C GLU B 32 -4.59 33.94 -17.78
N ASP B 33 -3.77 33.99 -16.72
CA ASP B 33 -2.33 34.14 -16.88
C ASP B 33 -1.63 32.84 -16.55
N CYS B 34 -1.46 31.99 -17.56
CA CYS B 34 -0.81 30.70 -17.37
C CYS B 34 0.68 30.80 -17.64
N TRP B 35 1.48 30.75 -16.58
CA TRP B 35 2.93 30.80 -16.72
C TRP B 35 3.56 29.52 -16.19
N LEU B 36 4.56 29.02 -16.91
CA LEU B 36 5.22 27.78 -16.55
C LEU B 36 6.65 28.02 -16.10
N ALA B 37 7.16 27.12 -15.28
CA ALA B 37 8.55 27.18 -14.84
C ALA B 37 9.35 26.08 -15.52
N TYR B 38 10.46 26.46 -16.15
CA TYR B 38 11.27 25.50 -16.88
C TYR B 38 12.76 25.70 -16.63
N ALA B 39 13.52 24.61 -16.75
CA ALA B 39 14.97 24.65 -16.63
C ALA B 39 15.61 24.00 -17.84
N THR B 40 16.71 24.57 -18.32
CA THR B 40 17.36 24.06 -19.52
C THR B 40 18.83 23.75 -19.30
N ALA B 41 19.38 22.89 -20.16
CA ALA B 41 20.79 22.56 -20.15
C ALA B 41 21.21 22.12 -21.55
N GLY B 42 22.27 22.75 -22.05
CA GLY B 42 22.74 22.45 -23.39
C GLY B 42 22.33 23.51 -24.39
N THR B 43 22.81 23.36 -25.62
CA THR B 43 22.56 24.35 -26.65
C THR B 43 21.72 23.78 -27.78
N LEU B 44 20.67 24.51 -28.16
CA LEU B 44 19.81 24.11 -29.27
C LEU B 44 20.52 24.36 -30.59
N ASN B 45 20.61 23.33 -31.42
CA ASN B 45 21.38 23.43 -32.67
C ASN B 45 20.68 24.28 -33.73
N GLU B 46 21.30 24.34 -34.90
CA GLU B 46 20.87 25.23 -35.97
C GLU B 46 19.43 24.95 -36.42
N ASP B 47 19.12 23.68 -36.66
CA ASP B 47 17.80 23.30 -37.14
C ASP B 47 16.88 22.84 -36.02
N LYS B 48 17.29 23.10 -34.77
CA LYS B 48 16.46 22.87 -33.59
C LYS B 48 15.93 21.44 -33.54
N SER B 49 16.83 20.47 -33.71
CA SER B 49 16.45 19.07 -33.81
C SER B 49 17.02 18.20 -32.69
N ASN B 50 17.73 18.81 -31.76
CA ASN B 50 18.33 18.07 -30.65
C ASN B 50 17.69 18.40 -29.30
N ALA B 51 16.39 18.65 -29.30
CA ALA B 51 15.69 19.03 -28.09
C ALA B 51 15.07 17.82 -27.40
N ILE B 52 15.29 17.73 -26.09
CA ILE B 52 14.70 16.66 -25.28
C ILE B 52 13.87 17.24 -24.15
N LEU B 53 12.59 16.86 -24.11
CA LEU B 53 11.67 17.37 -23.11
C LEU B 53 11.53 16.43 -21.92
N ILE B 54 11.58 16.99 -20.70
CA ILE B 54 11.45 16.19 -19.50
C ILE B 54 10.39 16.74 -18.56
N PRO B 55 9.19 16.15 -18.57
CA PRO B 55 8.11 16.53 -17.65
C PRO B 55 8.40 16.05 -16.22
N THR B 56 7.96 16.83 -15.24
CA THR B 56 8.21 16.49 -13.84
C THR B 56 7.17 15.50 -13.33
N TRP B 57 7.44 14.87 -12.18
CA TRP B 57 6.50 13.93 -11.60
C TRP B 57 5.83 14.50 -10.36
N TYR B 58 4.99 13.68 -9.72
CA TYR B 58 4.25 14.09 -8.54
C TYR B 58 5.18 14.51 -7.41
N SER B 59 4.81 15.59 -6.73
CA SER B 59 5.57 16.12 -5.60
C SER B 59 7.02 16.45 -5.97
N GLY B 60 7.27 16.63 -7.26
CA GLY B 60 8.63 16.86 -7.73
C GLY B 60 8.76 17.99 -8.72
N THR B 61 10.00 18.37 -9.01
CA THR B 61 10.27 19.41 -9.98
C THR B 61 11.26 18.92 -11.02
N HIS B 62 12.19 19.79 -11.40
CA HIS B 62 13.22 19.46 -12.36
C HIS B 62 14.52 19.08 -11.64
N GLN B 63 14.56 19.38 -10.35
CA GLN B 63 15.77 19.24 -9.54
C GLN B 63 16.40 17.85 -9.62
N THR B 64 15.57 16.82 -9.44
CA THR B 64 16.05 15.44 -9.44
C THR B 64 16.71 15.09 -10.78
N TRP B 65 16.09 15.52 -11.87
CA TRP B 65 16.61 15.23 -13.20
C TRP B 65 17.98 15.86 -13.44
N PHE B 66 18.14 17.10 -13.00
CA PHE B 66 19.39 17.83 -13.23
C PHE B 66 20.50 17.43 -12.26
N GLN B 67 20.15 16.67 -11.22
CA GLN B 67 21.15 16.28 -10.23
C GLN B 67 21.35 14.77 -10.15
N GLN B 68 20.65 14.03 -11.00
CA GLN B 68 20.79 12.57 -11.02
C GLN B 68 20.89 12.01 -12.43
N TYR B 69 20.09 12.54 -13.34
CA TYR B 69 19.95 11.97 -14.68
C TYR B 69 20.77 12.69 -15.75
N ILE B 70 20.94 13.99 -15.57
CA ILE B 70 21.56 14.83 -16.60
C ILE B 70 23.06 15.05 -16.37
N GLY B 71 23.85 14.82 -17.41
CA GLY B 71 25.28 15.03 -17.34
C GLY B 71 25.97 14.59 -18.61
N THR B 72 27.24 14.95 -18.76
CA THR B 72 28.00 14.59 -19.95
C THR B 72 28.33 13.10 -19.96
N ASP B 73 28.39 12.52 -18.77
CA ASP B 73 28.68 11.10 -18.63
C ASP B 73 27.40 10.27 -18.59
N HIS B 74 26.29 10.90 -18.96
CA HIS B 74 25.00 10.22 -19.00
C HIS B 74 24.43 10.22 -20.41
N ALA B 75 23.31 9.53 -20.58
CA ALA B 75 22.62 9.49 -21.87
C ALA B 75 22.03 10.86 -22.17
N LEU B 76 21.36 11.45 -21.18
CA LEU B 76 20.87 12.80 -21.29
C LEU B 76 22.03 13.78 -21.25
N ASP B 77 22.77 13.85 -22.36
CA ASP B 77 24.00 14.63 -22.43
C ASP B 77 23.73 16.04 -22.95
N PRO B 78 23.96 17.05 -22.11
CA PRO B 78 23.78 18.46 -22.48
C PRO B 78 24.86 18.92 -23.46
N SER B 79 25.82 18.06 -23.73
CA SER B 79 26.83 18.32 -24.74
C SER B 79 26.30 18.02 -26.14
N LYS B 80 25.29 17.15 -26.19
CA LYS B 80 24.69 16.75 -27.47
C LYS B 80 23.31 17.36 -27.67
N TYR B 81 22.50 17.33 -26.62
CA TYR B 81 21.09 17.72 -26.74
C TYR B 81 20.74 18.96 -25.92
N PHE B 82 19.75 19.70 -26.41
CA PHE B 82 19.15 20.78 -25.63
C PHE B 82 18.08 20.19 -24.73
N ILE B 83 18.42 20.02 -23.46
CA ILE B 83 17.52 19.35 -22.52
C ILE B 83 16.72 20.34 -21.70
N ILE B 84 15.41 20.33 -21.90
CA ILE B 84 14.53 21.26 -21.20
C ILE B 84 13.50 20.52 -20.37
N SER B 85 13.36 20.92 -19.11
CA SER B 85 12.37 20.33 -18.22
C SER B 85 11.32 21.36 -17.83
N ILE B 86 10.06 21.07 -18.16
CA ILE B 86 8.97 21.98 -17.86
C ILE B 86 8.13 21.45 -16.70
N ASN B 87 8.00 22.26 -15.64
CA ASN B 87 7.26 21.87 -14.46
C ASN B 87 5.75 21.80 -14.70
N GLN B 88 5.10 20.80 -14.10
CA GLN B 88 3.65 20.64 -14.23
C GLN B 88 2.91 21.86 -13.71
N ILE B 89 1.71 22.08 -14.25
CA ILE B 89 0.86 23.15 -13.78
C ILE B 89 0.39 22.85 -12.35
N GLY B 90 0.66 23.77 -11.44
CA GLY B 90 0.26 23.61 -10.06
C GLY B 90 1.22 22.75 -9.26
N ASN B 91 2.39 22.48 -9.82
CA ASN B 91 3.38 21.64 -9.14
C ASN B 91 4.17 22.41 -8.08
N GLY B 92 3.89 23.70 -7.96
CA GLY B 92 4.54 24.53 -6.96
C GLY B 92 5.49 25.55 -7.53
N LEU B 93 6.10 25.24 -8.67
CA LEU B 93 7.02 26.15 -9.33
C LEU B 93 6.34 26.91 -10.46
N SER B 94 5.55 26.19 -11.26
CA SER B 94 4.72 26.83 -12.29
C SER B 94 3.53 27.48 -11.61
N VAL B 95 2.60 28.03 -12.40
CA VAL B 95 1.43 28.67 -11.83
C VAL B 95 0.64 27.66 -11.00
N SER B 96 0.44 27.99 -9.73
CA SER B 96 -0.07 27.02 -8.77
C SER B 96 -1.10 27.67 -7.83
N PRO B 97 -1.87 26.85 -7.10
CA PRO B 97 -2.83 27.38 -6.13
C PRO B 97 -2.22 28.34 -5.11
N ALA B 98 -0.99 28.05 -4.68
CA ALA B 98 -0.38 28.82 -3.60
C ALA B 98 0.71 29.78 -4.08
N ASN B 99 0.64 30.22 -5.33
CA ASN B 99 1.58 31.24 -5.80
C ASN B 99 1.01 32.11 -6.91
N THR B 100 -0.22 31.82 -7.32
CA THR B 100 -0.86 32.59 -8.39
C THR B 100 -1.29 33.97 -7.90
N ALA B 101 -1.13 34.97 -8.77
CA ALA B 101 -1.54 36.33 -8.45
C ALA B 101 -3.04 36.50 -8.69
N ASP B 102 -3.61 35.61 -9.49
CA ASP B 102 -5.04 35.64 -9.78
C ASP B 102 -5.83 35.20 -8.55
N ASP B 103 -6.71 36.08 -8.08
CA ASP B 103 -7.50 35.80 -6.89
C ASP B 103 -8.66 34.85 -7.18
N SER B 104 -9.09 34.81 -8.44
CA SER B 104 -10.22 33.98 -8.83
C SER B 104 -9.86 32.49 -8.82
N ILE B 105 -8.58 32.19 -8.93
CA ILE B 105 -8.13 30.79 -8.95
C ILE B 105 -7.11 30.52 -7.84
N SER B 106 -7.09 31.37 -6.82
CA SER B 106 -6.12 31.24 -5.74
C SER B 106 -6.51 30.16 -4.73
N MET B 107 -5.53 29.36 -4.34
CA MET B 107 -5.70 28.33 -3.33
C MET B 107 -6.81 27.33 -3.68
N SER B 108 -7.84 27.27 -2.85
CA SER B 108 -8.89 26.27 -3.01
C SER B 108 -9.80 26.55 -4.22
N LYS B 109 -9.59 27.69 -4.87
CA LYS B 109 -10.36 28.05 -6.05
C LYS B 109 -9.61 27.66 -7.32
N PHE B 110 -8.44 27.06 -7.17
CA PHE B 110 -7.65 26.62 -8.31
C PHE B 110 -8.34 25.49 -9.06
N PRO B 111 -8.44 25.62 -10.39
CA PRO B 111 -9.19 24.67 -11.23
C PRO B 111 -8.54 23.31 -11.34
N ASN B 112 -9.24 22.36 -11.97
CA ASN B 112 -8.71 21.03 -12.20
C ASN B 112 -7.96 20.94 -13.51
N VAL B 113 -6.67 20.62 -13.43
CA VAL B 113 -5.82 20.51 -14.60
C VAL B 113 -5.56 19.05 -14.94
N ARG B 114 -5.80 18.69 -16.20
CA ARG B 114 -5.54 17.34 -16.67
C ARG B 114 -4.15 17.24 -17.29
N ILE B 115 -3.67 16.00 -17.46
CA ILE B 115 -2.39 15.75 -18.11
C ILE B 115 -2.37 16.38 -19.50
N GLY B 116 -3.50 16.31 -20.20
CA GLY B 116 -3.62 16.88 -21.53
C GLY B 116 -3.40 18.38 -21.53
N ASP B 117 -3.86 19.05 -20.47
CA ASP B 117 -3.68 20.48 -20.33
C ASP B 117 -2.20 20.85 -20.24
N ASP B 118 -1.43 20.01 -19.55
CA ASP B 118 0.00 20.22 -19.42
C ASP B 118 0.72 20.13 -20.76
N VAL B 119 0.40 19.09 -21.52
CA VAL B 119 1.04 18.85 -22.81
C VAL B 119 0.70 19.96 -23.81
N VAL B 120 -0.54 20.41 -23.80
CA VAL B 120 -0.94 21.55 -24.62
C VAL B 120 -0.13 22.78 -24.23
N ALA B 121 -0.01 23.01 -22.92
CA ALA B 121 0.73 24.15 -22.40
C ALA B 121 2.22 24.04 -22.75
N GLN B 122 2.77 22.85 -22.64
CA GLN B 122 4.18 22.62 -22.91
C GLN B 122 4.52 22.87 -24.38
N ASP B 123 3.65 22.41 -25.27
CA ASP B 123 3.86 22.62 -26.70
C ASP B 123 3.85 24.10 -27.04
N ARG B 124 2.98 24.85 -26.37
CA ARG B 124 2.89 26.30 -26.59
C ARG B 124 4.16 27.00 -26.13
N LEU B 125 4.67 26.59 -24.97
CA LEU B 125 5.89 27.16 -24.44
C LEU B 125 7.09 26.87 -25.33
N LEU B 126 7.18 25.63 -25.80
CA LEU B 126 8.29 25.20 -26.65
C LEU B 126 8.34 25.97 -27.95
N ARG B 127 7.17 26.25 -28.52
CA ARG B 127 7.09 27.01 -29.76
C ARG B 127 7.36 28.49 -29.51
N GLN B 128 6.73 29.03 -28.47
CA GLN B 128 6.81 30.45 -28.17
C GLN B 128 8.22 30.92 -27.81
N GLU B 129 8.92 30.13 -27.01
CA GLU B 129 10.20 30.55 -26.45
C GLU B 129 11.41 30.04 -27.22
N PHE B 130 11.24 28.96 -27.97
CA PHE B 130 12.38 28.36 -28.67
C PHE B 130 12.09 28.02 -30.13
N GLY B 131 10.81 28.03 -30.51
CA GLY B 131 10.44 27.72 -31.87
C GLY B 131 10.63 26.24 -32.16
N ILE B 132 10.52 25.42 -31.12
CA ILE B 132 10.66 23.98 -31.26
C ILE B 132 9.34 23.35 -31.67
N THR B 133 9.34 22.67 -32.81
CA THR B 133 8.12 22.03 -33.31
C THR B 133 8.24 20.51 -33.28
N GLU B 134 9.47 20.02 -33.18
CA GLU B 134 9.71 18.59 -33.07
C GLU B 134 10.71 18.29 -31.96
N LEU B 135 10.47 17.19 -31.24
CA LEU B 135 11.35 16.80 -30.15
C LEU B 135 12.16 15.56 -30.50
N PHE B 136 13.46 15.62 -30.20
CA PHE B 136 14.33 14.48 -30.41
C PHE B 136 13.85 13.31 -29.58
N ALA B 137 13.47 13.60 -28.34
CA ALA B 137 13.00 12.58 -27.41
C ALA B 137 12.19 13.19 -26.28
N VAL B 138 11.28 12.40 -25.71
CA VAL B 138 10.53 12.81 -24.53
C VAL B 138 10.74 11.78 -23.42
N VAL B 139 11.33 12.22 -22.31
CA VAL B 139 11.63 11.33 -21.20
C VAL B 139 10.99 11.82 -19.91
N GLY B 140 10.27 10.93 -19.24
CA GLY B 140 9.61 11.28 -17.99
C GLY B 140 9.38 10.09 -17.08
N GLY B 141 9.27 10.36 -15.78
CA GLY B 141 9.01 9.33 -14.80
C GLY B 141 7.68 9.54 -14.11
N SER B 142 7.02 8.44 -13.75
CA SER B 142 5.75 8.48 -13.04
C SER B 142 4.72 9.30 -13.80
N MET B 143 4.35 10.46 -13.24
CA MET B 143 3.42 11.35 -13.92
C MET B 143 4.06 11.96 -15.16
N GLY B 144 5.39 12.01 -15.15
CA GLY B 144 6.14 12.47 -16.30
C GLY B 144 6.00 11.49 -17.45
N ALA B 145 5.88 10.22 -17.09
CA ALA B 145 5.65 9.16 -18.07
C ALA B 145 4.25 9.28 -18.64
N GLN B 146 3.30 9.68 -17.79
CA GLN B 146 1.93 9.93 -18.24
C GLN B 146 1.90 11.04 -19.27
N GLN B 147 2.66 12.10 -19.01
CA GLN B 147 2.75 13.23 -19.93
C GLN B 147 3.51 12.81 -21.20
N THR B 148 4.43 11.86 -21.03
CA THR B 148 5.16 11.31 -22.17
C THR B 148 4.20 10.57 -23.10
N TYR B 149 3.33 9.75 -22.51
CA TYR B 149 2.33 9.03 -23.29
C TYR B 149 1.37 10.00 -23.97
N GLU B 150 0.93 11.02 -23.23
CA GLU B 150 0.00 12.01 -23.78
C GLU B 150 0.64 12.75 -24.95
N TRP B 151 1.93 13.03 -24.85
CA TRP B 151 2.65 13.74 -25.90
C TRP B 151 2.68 12.94 -27.21
N ILE B 152 3.05 11.67 -27.13
CA ILE B 152 3.22 10.86 -28.33
C ILE B 152 1.88 10.41 -28.93
N VAL B 153 0.80 10.60 -28.18
CA VAL B 153 -0.53 10.24 -28.68
C VAL B 153 -1.25 11.47 -29.23
N ARG B 154 -1.14 12.59 -28.54
CA ARG B 154 -1.81 13.82 -28.98
C ARG B 154 -1.09 14.49 -30.15
N PHE B 155 0.23 14.62 -30.03
CA PHE B 155 1.04 15.16 -31.13
C PHE B 155 2.00 14.08 -31.65
N PRO B 156 1.48 13.13 -32.45
CA PRO B 156 2.27 11.97 -32.87
C PRO B 156 3.48 12.35 -33.74
N ASP B 157 3.33 13.37 -34.58
CA ASP B 157 4.37 13.73 -35.53
C ASP B 157 5.39 14.71 -34.96
N GLN B 158 5.24 15.05 -33.68
CA GLN B 158 6.13 16.03 -33.05
C GLN B 158 7.17 15.37 -32.15
N VAL B 159 7.07 14.05 -32.00
CA VAL B 159 7.99 13.30 -31.14
C VAL B 159 8.66 12.16 -31.91
N HIS B 160 9.99 12.09 -31.82
CA HIS B 160 10.73 11.04 -32.50
C HIS B 160 10.98 9.84 -31.57
N ARG B 161 11.32 10.11 -30.32
CA ARG B 161 11.55 9.06 -29.35
C ARG B 161 10.86 9.34 -28.03
N ALA B 162 10.47 8.27 -27.35
CA ALA B 162 9.76 8.40 -26.07
C ALA B 162 10.30 7.40 -25.07
N ALA B 163 10.42 7.84 -23.82
CA ALA B 163 10.90 6.96 -22.75
C ALA B 163 10.05 7.13 -21.50
N PRO B 164 8.84 6.55 -21.50
CA PRO B 164 7.99 6.58 -20.30
C PRO B 164 8.51 5.64 -19.23
N ILE B 165 9.04 6.20 -18.15
CA ILE B 165 9.63 5.40 -17.08
C ILE B 165 8.69 5.27 -15.89
N ALA B 166 8.38 4.04 -15.52
CA ALA B 166 7.54 3.75 -14.35
C ALA B 166 6.24 4.52 -14.37
N GLY B 167 5.43 4.29 -15.40
CA GLY B 167 4.14 4.96 -15.51
C GLY B 167 3.27 4.37 -16.60
N THR B 168 1.96 4.54 -16.47
CA THR B 168 1.03 4.01 -17.45
C THR B 168 0.41 5.11 -18.31
N ALA B 169 -0.18 4.73 -19.43
CA ALA B 169 -0.83 5.66 -20.33
C ALA B 169 -2.28 5.90 -19.93
N LYS B 170 -2.90 4.86 -19.38
CA LYS B 170 -4.26 4.97 -18.87
C LYS B 170 -4.31 4.49 -17.42
N ASN B 171 -4.76 5.37 -16.54
CA ASN B 171 -4.75 5.08 -15.11
C ASN B 171 -5.67 3.93 -14.73
N THR B 172 -5.11 2.95 -14.02
CA THR B 172 -5.86 1.78 -13.57
C THR B 172 -6.62 2.09 -12.27
N PRO B 173 -7.74 1.38 -12.03
CA PRO B 173 -8.58 1.63 -10.85
C PRO B 173 -7.82 1.53 -9.53
N HIS B 174 -6.82 0.67 -9.44
CA HIS B 174 -6.04 0.55 -8.22
C HIS B 174 -5.24 1.82 -7.95
N ASP B 175 -4.70 2.42 -9.00
CA ASP B 175 -3.93 3.66 -8.86
C ASP B 175 -4.80 4.76 -8.29
N PHE B 176 -6.06 4.79 -8.73
CA PHE B 176 -7.02 5.77 -8.24
C PHE B 176 -7.25 5.61 -6.75
N ILE B 177 -7.51 4.37 -6.32
CA ILE B 177 -7.75 4.07 -4.92
C ILE B 177 -6.59 4.47 -4.02
N PHE B 178 -5.38 4.08 -4.41
CA PHE B 178 -4.19 4.43 -3.66
C PHE B 178 -4.04 5.93 -3.54
N THR B 179 -4.20 6.65 -4.64
CA THR B 179 -4.04 8.09 -4.66
C THR B 179 -5.10 8.76 -3.78
N GLN B 180 -6.26 8.13 -3.69
CA GLN B 180 -7.34 8.67 -2.86
C GLN B 180 -6.94 8.67 -1.39
N THR B 181 -6.27 7.61 -0.95
CA THR B 181 -5.84 7.50 0.44
C THR B 181 -4.81 8.58 0.75
N LEU B 182 -4.00 8.93 -0.24
CA LEU B 182 -3.02 10.00 -0.11
C LEU B 182 -3.71 11.33 0.16
N ASN B 183 -4.76 11.60 -0.60
CA ASN B 183 -5.49 12.86 -0.47
C ASN B 183 -6.27 12.95 0.83
N GLU B 184 -6.85 11.82 1.26
CA GLU B 184 -7.67 11.79 2.45
C GLU B 184 -6.93 12.20 3.72
N THR B 185 -5.76 11.61 3.95
CA THR B 185 -5.03 11.87 5.19
C THR B 185 -4.55 13.32 5.26
N VAL B 186 -4.40 13.94 4.11
CA VAL B 186 -4.03 15.35 4.05
C VAL B 186 -5.24 16.23 4.36
N GLU B 187 -6.36 15.92 3.74
CA GLU B 187 -7.61 16.63 3.98
C GLU B 187 -8.15 16.34 5.39
N ALA B 188 -7.66 15.25 5.99
CA ALA B 188 -8.07 14.89 7.34
C ALA B 188 -7.51 15.86 8.37
N ASP B 189 -6.39 16.49 8.04
CA ASP B 189 -5.78 17.48 8.91
C ASP B 189 -6.69 18.70 9.01
N PRO B 190 -7.08 19.07 10.24
CA PRO B 190 -7.92 20.25 10.45
C PRO B 190 -7.20 21.55 10.07
N GLY B 191 -5.87 21.53 10.14
CA GLY B 191 -5.07 22.68 9.77
C GLY B 191 -5.14 22.99 8.29
N PHE B 192 -5.57 22.00 7.50
CA PHE B 192 -5.73 22.15 6.07
C PHE B 192 -6.78 23.22 5.75
N ASN B 193 -7.83 23.25 6.56
CA ASN B 193 -8.87 24.27 6.49
C ASN B 193 -9.50 24.38 5.11
N GLY B 194 -9.83 23.24 4.51
CA GLY B 194 -10.51 23.20 3.23
C GLY B 194 -9.76 23.87 2.09
N GLY B 195 -8.43 23.88 2.18
CA GLY B 195 -7.61 24.45 1.13
C GLY B 195 -7.29 25.90 1.35
N GLU B 196 -7.81 26.48 2.43
CA GLU B 196 -7.57 27.87 2.75
C GLU B 196 -6.71 28.02 4.00
N TYR B 197 -5.53 27.42 3.98
CA TYR B 197 -4.58 27.53 5.06
C TYR B 197 -3.66 28.73 4.84
N SER B 198 -2.98 29.15 5.89
CA SER B 198 -2.08 30.30 5.81
C SER B 198 -0.63 29.86 5.62
N SER B 199 -0.35 28.62 6.01
CA SER B 199 0.98 28.06 5.87
C SER B 199 0.95 26.54 5.73
N HIS B 200 1.91 25.99 5.00
CA HIS B 200 2.01 24.55 4.82
C HIS B 200 2.41 23.88 6.13
N GLU B 201 2.94 24.67 7.06
CA GLU B 201 3.36 24.16 8.35
C GLU B 201 2.15 23.83 9.23
N GLU B 202 0.98 24.34 8.84
CA GLU B 202 -0.26 24.07 9.57
C GLU B 202 -0.78 22.68 9.23
N VAL B 203 -0.46 22.20 8.04
CA VAL B 203 -0.89 20.89 7.58
C VAL B 203 0.26 19.89 7.70
N ALA B 204 1.09 20.09 8.72
CA ALA B 204 2.29 19.27 8.90
C ALA B 204 1.96 17.81 9.17
N ASP B 205 0.90 17.57 9.94
CA ASP B 205 0.51 16.22 10.31
C ASP B 205 0.04 15.42 9.10
N GLY B 206 -0.77 16.06 8.26
CA GLY B 206 -1.28 15.42 7.07
C GLY B 206 -0.19 15.08 6.07
N LEU B 207 0.77 15.99 5.93
CA LEU B 207 1.90 15.78 5.03
C LEU B 207 2.75 14.60 5.50
N ARG B 208 2.98 14.53 6.80
CA ARG B 208 3.76 13.45 7.39
C ARG B 208 3.07 12.10 7.20
N ARG B 209 1.74 12.10 7.34
CA ARG B 209 0.96 10.88 7.16
C ARG B 209 1.08 10.36 5.73
N GLN B 210 1.05 11.28 4.77
CA GLN B 210 1.20 10.90 3.37
C GLN B 210 2.59 10.32 3.12
N SER B 211 3.59 10.90 3.78
CA SER B 211 4.96 10.41 3.69
C SER B 211 5.03 8.94 4.07
N HIS B 212 4.37 8.57 5.16
CA HIS B 212 4.36 7.19 5.62
C HIS B 212 3.61 6.30 4.64
N LEU B 213 2.59 6.85 3.99
CA LEU B 213 1.84 6.12 2.98
C LEU B 213 2.72 5.79 1.79
N TRP B 214 3.67 6.68 1.49
CA TRP B 214 4.60 6.45 0.40
C TRP B 214 5.65 5.42 0.79
N ALA B 215 5.99 5.38 2.07
CA ALA B 215 6.96 4.40 2.56
C ALA B 215 6.37 3.00 2.46
N ALA B 216 5.05 2.90 2.49
CA ALA B 216 4.37 1.62 2.46
C ALA B 216 4.16 1.10 1.04
N MET B 217 3.97 2.01 0.09
CA MET B 217 3.62 1.64 -1.26
C MET B 217 4.70 2.01 -2.28
N GLY B 218 5.44 3.08 -2.00
CA GLY B 218 6.41 3.61 -2.94
C GLY B 218 7.71 2.84 -3.05
N PHE B 219 7.92 1.87 -2.17
CA PHE B 219 9.11 1.03 -2.24
C PHE B 219 8.74 -0.41 -2.58
N SER B 220 9.34 -1.34 -1.85
CA SER B 220 9.02 -2.75 -2.00
C SER B 220 9.28 -3.47 -0.68
N THR B 221 8.66 -4.63 -0.50
CA THR B 221 8.83 -5.39 0.72
C THR B 221 10.30 -5.79 0.92
N GLU B 222 10.98 -6.07 -0.18
CA GLU B 222 12.37 -6.49 -0.11
C GLU B 222 13.30 -5.32 0.20
N PHE B 223 12.89 -4.12 -0.23
CA PHE B 223 13.65 -2.92 0.07
C PHE B 223 13.83 -2.74 1.57
N TRP B 224 12.75 -2.94 2.32
CA TRP B 224 12.79 -2.81 3.77
C TRP B 224 13.39 -4.03 4.43
N LYS B 225 13.09 -5.21 3.89
CA LYS B 225 13.55 -6.46 4.48
C LYS B 225 15.07 -6.62 4.38
N GLN B 226 15.65 -6.05 3.32
CA GLN B 226 17.09 -6.14 3.12
C GLN B 226 17.79 -4.88 3.60
N GLU B 227 17.02 -3.95 4.16
CA GLU B 227 17.55 -2.68 4.66
C GLU B 227 18.40 -1.99 3.62
N ALA B 228 17.87 -1.86 2.41
CA ALA B 228 18.58 -1.25 1.29
C ALA B 228 18.82 0.25 1.52
N TRP B 229 18.22 0.79 2.56
CA TRP B 229 18.38 2.21 2.89
C TRP B 229 19.74 2.49 3.55
N ARG B 230 20.49 1.43 3.83
CA ARG B 230 21.77 1.58 4.50
C ARG B 230 22.80 2.27 3.61
N ARG B 231 22.72 2.04 2.30
CA ARG B 231 23.66 2.65 1.37
C ARG B 231 23.41 4.14 1.23
N LEU B 232 22.27 4.60 1.74
CA LEU B 232 21.96 6.03 1.74
C LEU B 232 22.52 6.70 2.98
N GLY B 233 23.14 5.91 3.86
CA GLY B 233 23.78 6.43 5.04
C GLY B 233 22.82 6.73 6.17
N LEU B 234 21.71 5.99 6.21
CA LEU B 234 20.73 6.16 7.26
C LEU B 234 20.87 5.08 8.32
N GLU B 235 20.67 5.46 9.58
CA GLU B 235 20.92 4.58 10.70
C GLU B 235 19.91 3.44 10.83
N SER B 236 18.63 3.80 10.93
CA SER B 236 17.59 2.80 11.13
C SER B 236 16.42 2.98 10.18
N LYS B 237 15.50 2.02 10.22
CA LYS B 237 14.27 2.08 9.43
C LYS B 237 13.48 3.34 9.76
N GLU B 238 13.41 3.66 11.04
CA GLU B 238 12.66 4.82 11.51
C GLU B 238 13.33 6.11 11.05
N SER B 239 14.65 6.08 10.93
CA SER B 239 15.42 7.22 10.47
C SER B 239 15.12 7.55 9.01
N VAL B 240 14.75 6.53 8.24
CA VAL B 240 14.40 6.70 6.83
C VAL B 240 13.20 7.63 6.69
N LEU B 241 12.26 7.50 7.62
CA LEU B 241 11.07 8.33 7.62
C LEU B 241 11.36 9.69 8.26
N ALA B 242 11.80 9.67 9.51
CA ALA B 242 11.95 10.88 10.31
C ALA B 242 13.01 11.85 9.78
N ASP B 243 14.03 11.33 9.11
CA ASP B 243 15.15 12.17 8.70
C ASP B 243 15.25 12.36 7.19
N PHE B 244 14.34 11.75 6.44
CA PHE B 244 14.39 11.86 4.99
C PHE B 244 13.02 12.10 4.37
N LEU B 245 12.14 11.10 4.43
CA LEU B 245 10.84 11.18 3.79
C LEU B 245 9.91 12.21 4.45
N ASP B 246 9.77 12.14 5.77
CA ASP B 246 8.91 13.07 6.49
C ASP B 246 9.31 14.55 6.31
N PRO B 247 10.62 14.88 6.43
CA PRO B 247 10.96 16.30 6.19
C PRO B 247 10.67 16.75 4.77
N LEU B 248 10.77 15.83 3.83
CA LEU B 248 10.55 16.14 2.42
C LEU B 248 9.10 16.57 2.16
N PHE B 249 8.16 15.72 2.55
CA PHE B 249 6.74 15.98 2.29
C PHE B 249 6.21 17.13 3.13
N MET B 250 6.71 17.27 4.35
CA MET B 250 6.28 18.34 5.24
C MET B 250 6.71 19.71 4.71
N SER B 251 7.61 19.71 3.73
CA SER B 251 8.11 20.94 3.15
C SER B 251 7.27 21.39 1.95
N MET B 252 6.29 20.56 1.59
CA MET B 252 5.52 20.80 0.37
C MET B 252 4.18 21.49 0.63
N ASP B 253 3.57 21.96 -0.45
CA ASP B 253 2.28 22.64 -0.36
C ASP B 253 1.13 21.68 -0.62
N PRO B 254 0.22 21.53 0.35
CA PRO B 254 -0.93 20.63 0.27
C PRO B 254 -1.79 20.83 -0.98
N ASN B 255 -2.12 22.08 -1.28
CA ASN B 255 -2.95 22.37 -2.46
C ASN B 255 -2.26 21.94 -3.74
N THR B 256 -0.96 22.14 -3.81
CA THR B 256 -0.17 21.71 -4.95
C THR B 256 -0.22 20.20 -5.10
N LEU B 257 -0.03 19.49 -4.00
CA LEU B 257 -0.09 18.04 -4.01
C LEU B 257 -1.46 17.52 -4.44
N LEU B 258 -2.50 18.07 -3.84
CA LEU B 258 -3.86 17.66 -4.16
C LEU B 258 -4.20 17.89 -5.62
N ASN B 259 -3.67 18.98 -6.17
CA ASN B 259 -3.91 19.30 -7.58
C ASN B 259 -3.28 18.28 -8.51
N ASN B 260 -2.00 18.02 -8.32
CA ASN B 260 -1.29 17.06 -9.14
C ASN B 260 -1.80 15.64 -8.93
N ALA B 261 -2.30 15.36 -7.73
CA ALA B 261 -2.85 14.05 -7.42
C ALA B 261 -4.11 13.79 -8.24
N TRP B 262 -4.94 14.81 -8.39
CA TRP B 262 -6.15 14.71 -9.19
C TRP B 262 -5.78 14.45 -10.65
N LYS B 263 -4.81 15.22 -11.14
CA LYS B 263 -4.30 15.09 -12.50
C LYS B 263 -3.86 13.66 -12.77
N TRP B 264 -3.12 13.13 -11.80
CA TRP B 264 -2.65 11.75 -11.82
C TRP B 264 -3.83 10.78 -11.89
N GLN B 265 -4.88 11.03 -11.11
CA GLN B 265 -6.02 10.14 -11.03
C GLN B 265 -6.84 10.05 -12.32
N HIS B 266 -6.66 11.01 -13.22
CA HIS B 266 -7.47 11.05 -14.45
C HIS B 266 -6.63 10.95 -15.71
N GLY B 267 -5.43 10.39 -15.60
CA GLY B 267 -4.59 10.16 -16.77
C GLY B 267 -5.23 9.14 -17.68
N ASP B 268 -5.53 9.55 -18.91
CA ASP B 268 -6.20 8.68 -19.86
C ASP B 268 -5.98 9.14 -21.30
N VAL B 269 -5.06 8.50 -22.00
CA VAL B 269 -4.76 8.87 -23.38
C VAL B 269 -5.78 8.31 -24.35
N SER B 270 -6.68 7.48 -23.83
CA SER B 270 -7.73 6.89 -24.66
C SER B 270 -8.91 7.84 -24.83
N ARG B 271 -8.80 9.01 -24.19
CA ARG B 271 -9.80 10.06 -24.36
C ARG B 271 -9.83 10.55 -25.80
N HIS B 272 -8.70 10.40 -26.48
CA HIS B 272 -8.58 10.84 -27.87
C HIS B 272 -9.30 9.89 -28.83
N THR B 273 -9.60 8.69 -28.35
CA THR B 273 -10.21 7.68 -29.20
C THR B 273 -11.48 7.09 -28.59
N GLY B 274 -12.17 7.88 -27.77
CA GLY B 274 -13.45 7.49 -27.21
C GLY B 274 -13.37 6.35 -26.20
N GLY B 275 -12.17 6.04 -25.74
CA GLY B 275 -11.99 5.00 -24.73
C GLY B 275 -11.13 3.84 -25.19
N ASP B 276 -11.04 3.66 -26.50
CA ASP B 276 -10.26 2.58 -27.08
C ASP B 276 -8.77 2.86 -26.90
N LEU B 277 -8.17 2.24 -25.88
CA LEU B 277 -6.76 2.44 -25.59
C LEU B 277 -5.88 1.86 -26.69
N ALA B 278 -6.29 0.72 -27.23
CA ALA B 278 -5.54 0.07 -28.30
C ALA B 278 -5.45 0.97 -29.53
N ALA B 279 -6.55 1.64 -29.84
CA ALA B 279 -6.62 2.57 -30.96
C ALA B 279 -5.79 3.81 -30.68
N ALA B 280 -5.79 4.25 -29.43
CA ALA B 280 -5.05 5.45 -29.03
C ALA B 280 -3.55 5.24 -29.17
N LEU B 281 -3.04 4.16 -28.58
CA LEU B 281 -1.62 3.87 -28.63
C LEU B 281 -1.19 3.41 -30.02
N GLY B 282 -2.17 3.10 -30.87
CA GLY B 282 -1.89 2.76 -32.25
C GLY B 282 -1.43 3.98 -33.03
N ARG B 283 -1.82 5.15 -32.56
CA ARG B 283 -1.44 6.41 -33.20
C ARG B 283 0.05 6.70 -33.02
N VAL B 284 0.66 6.08 -32.02
CA VAL B 284 2.05 6.34 -31.68
C VAL B 284 3.00 6.06 -32.84
N LYS B 285 3.76 7.09 -33.23
CA LYS B 285 4.72 7.00 -34.31
C LYS B 285 6.14 7.01 -33.77
N ALA B 286 6.31 7.63 -32.60
CA ALA B 286 7.62 7.74 -31.98
C ALA B 286 8.17 6.39 -31.52
N LYS B 287 9.50 6.25 -31.58
CA LYS B 287 10.17 5.07 -31.08
C LYS B 287 10.11 5.06 -29.56
N THR B 288 9.36 4.11 -29.00
CA THR B 288 9.06 4.13 -27.58
C THR B 288 9.72 2.99 -26.81
N PHE B 289 10.35 3.33 -25.69
CA PHE B 289 10.88 2.34 -24.76
C PHE B 289 10.11 2.38 -23.44
N VAL B 290 9.13 1.51 -23.29
CA VAL B 290 8.40 1.40 -22.04
C VAL B 290 9.30 0.79 -20.96
N MET B 291 9.62 1.59 -19.95
CA MET B 291 10.58 1.17 -18.94
C MET B 291 10.01 1.22 -17.52
N PRO B 292 9.29 0.17 -17.12
CA PRO B 292 8.80 0.07 -15.75
C PRO B 292 9.88 -0.38 -14.78
N ILE B 293 9.69 -0.14 -13.50
CA ILE B 293 10.62 -0.62 -12.48
C ILE B 293 10.14 -1.97 -11.96
N SER B 294 11.06 -2.93 -11.87
CA SER B 294 10.73 -4.32 -11.56
C SER B 294 9.86 -4.49 -10.32
N GLU B 295 10.19 -3.78 -9.25
CA GLU B 295 9.48 -3.95 -7.98
C GLU B 295 8.45 -2.85 -7.72
N ASP B 296 8.11 -2.10 -8.75
CA ASP B 296 7.12 -1.03 -8.65
C ASP B 296 5.76 -1.60 -8.20
N MET B 297 5.29 -1.15 -7.04
CA MET B 297 4.08 -1.72 -6.44
C MET B 297 2.79 -1.23 -7.09
N PHE B 298 2.70 0.04 -7.43
CA PHE B 298 1.45 0.56 -7.99
C PHE B 298 1.55 0.89 -9.48
N PHE B 299 2.74 0.71 -10.04
CA PHE B 299 2.91 0.74 -11.50
C PHE B 299 3.65 -0.52 -11.94
N PRO B 300 3.04 -1.70 -11.71
CA PRO B 300 3.73 -2.96 -11.93
C PRO B 300 4.05 -3.22 -13.40
N VAL B 301 5.02 -4.09 -13.64
CA VAL B 301 5.46 -4.42 -14.98
C VAL B 301 4.31 -4.94 -15.85
N ARG B 302 3.48 -5.82 -15.29
CA ARG B 302 2.37 -6.40 -16.03
C ARG B 302 1.43 -5.33 -16.59
N ASP B 303 1.22 -4.26 -15.83
CA ASP B 303 0.38 -3.16 -16.29
C ASP B 303 1.04 -2.40 -17.44
N CYS B 304 2.34 -2.13 -17.29
CA CYS B 304 3.10 -1.43 -18.32
C CYS B 304 3.34 -2.30 -19.54
N ALA B 305 3.57 -3.59 -19.32
CA ALA B 305 3.81 -4.53 -20.41
C ALA B 305 2.57 -4.67 -21.27
N ALA B 306 1.40 -4.58 -20.64
CA ALA B 306 0.13 -4.67 -21.35
C ALA B 306 -0.03 -3.52 -22.33
N GLU B 307 0.38 -2.33 -21.91
CA GLU B 307 0.30 -1.15 -22.76
C GLU B 307 1.35 -1.19 -23.86
N GLN B 308 2.53 -1.70 -23.52
CA GLN B 308 3.64 -1.77 -24.46
C GLN B 308 3.29 -2.66 -25.66
N ALA B 309 2.43 -3.64 -25.42
CA ALA B 309 2.01 -4.57 -26.47
C ALA B 309 1.03 -3.92 -27.44
N LEU B 310 0.64 -2.69 -27.15
CA LEU B 310 -0.30 -1.96 -28.01
C LEU B 310 0.41 -0.87 -28.79
N ILE B 311 1.64 -0.55 -28.38
CA ILE B 311 2.41 0.49 -29.05
C ILE B 311 3.29 -0.12 -30.14
N PRO B 312 2.97 0.20 -31.41
CA PRO B 312 3.66 -0.37 -32.56
C PRO B 312 5.13 0.04 -32.65
N GLY B 313 6.01 -0.95 -32.79
CA GLY B 313 7.43 -0.70 -32.94
C GLY B 313 8.13 -0.37 -31.65
N SER B 314 7.42 -0.53 -30.53
CA SER B 314 7.99 -0.23 -29.22
C SER B 314 8.73 -1.42 -28.64
N GLU B 315 9.46 -1.19 -27.55
CA GLU B 315 10.16 -2.24 -26.85
C GLU B 315 9.94 -2.12 -25.34
N LEU B 316 10.06 -3.23 -24.64
CA LEU B 316 9.91 -3.22 -23.19
C LEU B 316 11.26 -3.42 -22.49
N ARG B 317 11.70 -2.39 -21.77
CA ARG B 317 12.98 -2.46 -21.07
C ARG B 317 12.77 -2.30 -19.56
N VAL B 318 12.54 -3.41 -18.88
CA VAL B 318 12.31 -3.39 -17.43
C VAL B 318 13.56 -2.99 -16.67
N ILE B 319 13.42 -2.00 -15.79
CA ILE B 319 14.53 -1.57 -14.94
C ILE B 319 14.52 -2.34 -13.63
N GLU B 320 15.61 -3.07 -13.37
CA GLU B 320 15.72 -3.85 -12.14
C GLU B 320 16.13 -2.96 -10.97
N ASP B 321 15.21 -2.75 -10.03
CA ASP B 321 15.50 -1.96 -8.85
C ASP B 321 14.65 -2.40 -7.67
N ILE B 322 15.32 -2.78 -6.58
CA ILE B 322 14.64 -3.26 -5.37
C ILE B 322 13.81 -2.16 -4.72
N ALA B 323 14.19 -0.90 -4.98
CA ALA B 323 13.55 0.23 -4.32
C ALA B 323 12.17 0.55 -4.89
N GLY B 324 11.77 -0.17 -5.92
CA GLY B 324 10.46 0.01 -6.52
C GLY B 324 10.29 1.39 -7.13
N HIS B 325 9.08 1.94 -7.02
CA HIS B 325 8.73 3.20 -7.67
C HIS B 325 9.66 4.35 -7.27
N LEU B 326 9.99 4.44 -5.98
CA LEU B 326 10.85 5.52 -5.51
C LEU B 326 12.31 5.29 -5.90
N GLY B 327 12.55 4.28 -6.73
CA GLY B 327 13.87 4.06 -7.30
C GLY B 327 14.20 5.17 -8.28
N LEU B 328 13.18 5.90 -8.71
CA LEU B 328 13.33 7.07 -9.57
C LEU B 328 14.23 8.13 -8.94
N PHE B 329 14.36 8.09 -7.62
CA PHE B 329 15.19 9.05 -6.90
C PHE B 329 16.67 8.68 -6.96
N ASN B 330 16.99 7.62 -7.71
CA ASN B 330 18.35 7.09 -7.80
C ASN B 330 18.92 6.76 -6.42
N VAL B 331 18.29 5.81 -5.75
CA VAL B 331 18.73 5.39 -4.43
C VAL B 331 19.42 4.04 -4.51
N SER B 332 19.44 3.45 -5.70
CA SER B 332 20.12 2.19 -5.94
C SER B 332 21.39 2.42 -6.74
N GLU B 333 22.35 1.50 -6.59
CA GLU B 333 23.65 1.66 -7.23
C GLU B 333 23.58 1.46 -8.74
N ASN B 334 22.77 0.49 -9.16
CA ASN B 334 22.72 0.11 -10.56
C ASN B 334 21.53 0.74 -11.31
N TYR B 335 20.89 1.72 -10.69
CA TYR B 335 19.71 2.33 -11.31
C TYR B 335 20.07 3.15 -12.54
N ILE B 336 20.80 4.25 -12.33
CA ILE B 336 21.21 5.12 -13.41
C ILE B 336 21.97 4.41 -14.55
N PRO B 337 22.89 3.48 -14.22
CA PRO B 337 23.52 2.72 -15.32
C PRO B 337 22.52 2.06 -16.27
N GLN B 338 21.47 1.45 -15.73
CA GLN B 338 20.44 0.84 -16.55
C GLN B 338 19.70 1.89 -17.38
N ILE B 339 19.34 2.99 -16.73
CA ILE B 339 18.65 4.08 -17.39
C ILE B 339 19.47 4.62 -18.57
N ASP B 340 20.76 4.84 -18.33
CA ASP B 340 21.63 5.40 -19.36
C ASP B 340 21.83 4.43 -20.53
N LYS B 341 21.97 3.14 -20.22
CA LYS B 341 22.17 2.14 -21.26
C LYS B 341 20.99 2.10 -22.22
N ASN B 342 19.78 2.04 -21.66
CA ASN B 342 18.57 1.98 -22.48
C ASN B 342 18.33 3.26 -23.27
N LEU B 343 18.53 4.40 -22.61
CA LEU B 343 18.32 5.70 -23.26
C LEU B 343 19.32 5.92 -24.41
N LYS B 344 20.56 5.48 -24.21
CA LYS B 344 21.56 5.60 -25.25
C LYS B 344 21.16 4.79 -26.48
N GLU B 345 20.70 3.56 -26.25
CA GLU B 345 20.25 2.69 -27.34
C GLU B 345 19.05 3.31 -28.04
N LEU B 346 18.17 3.94 -27.27
CA LEU B 346 17.02 4.63 -27.83
C LEU B 346 17.44 5.81 -28.69
N PHE B 347 18.44 6.55 -28.21
CA PHE B 347 18.90 7.75 -28.90
C PHE B 347 19.69 7.41 -30.16
N GLU B 348 20.20 6.18 -30.21
CA GLU B 348 20.96 5.73 -31.38
C GLU B 348 20.04 5.43 -32.57
N SER B 349 18.96 4.70 -32.30
CA SER B 349 18.01 4.34 -33.35
C SER B 349 17.23 5.56 -33.82
C1 GOL C . -17.24 -16.94 33.08
O1 GOL C . -16.48 -18.09 33.36
C2 GOL C . -16.33 -15.80 32.64
O2 GOL C . -15.95 -15.02 33.77
C3 GOL C . -17.05 -14.94 31.63
O3 GOL C . -16.72 -13.58 31.85
C1 GOL D . -21.25 -15.07 27.20
O1 GOL D . -21.10 -16.19 28.03
C2 GOL D . -21.61 -15.52 25.79
O2 GOL D . -22.23 -16.79 25.86
C3 GOL D . -22.57 -14.53 25.15
O3 GOL D . -22.91 -14.98 23.85
C1 GOL E . -18.00 -29.55 24.99
O1 GOL E . -18.61 -28.42 24.42
C2 GOL E . -18.20 -30.77 24.09
O2 GOL E . -18.61 -30.36 22.80
C3 GOL E . -16.90 -31.56 23.98
O3 GOL E . -16.99 -32.48 22.92
C1 GOL F . -18.14 -13.12 0.16
O1 GOL F . -18.44 -14.40 0.68
C2 GOL F . -17.75 -12.18 1.29
O2 GOL F . -17.51 -12.91 2.47
C3 GOL F . -18.86 -11.16 1.54
O3 GOL F . -18.94 -10.25 0.46
C1 GOL G . -20.87 -6.26 6.37
O1 GOL G . -21.16 -5.40 5.30
C2 GOL G . -21.07 -5.54 7.71
O2 GOL G . -21.82 -4.36 7.51
C3 GOL G . -21.80 -6.45 8.68
O3 GOL G . -22.24 -5.70 9.78
C1 GOL H . -18.00 -9.36 31.34
O1 GOL H . -17.65 -9.59 32.69
C2 GOL H . -17.92 -10.67 30.56
O2 GOL H . -17.97 -11.77 31.43
C3 GOL H . -19.09 -10.74 29.58
O3 GOL H . -19.08 -11.97 28.89
C1 GOL I . -18.17 12.45 -34.10
O1 GOL I . -17.02 12.71 -34.89
C2 GOL I . -18.07 11.06 -33.48
O2 GOL I . -16.74 10.60 -33.51
C3 GOL I . -18.57 11.09 -32.03
O3 GOL I . -17.91 12.11 -31.31
C1 GOL J . 14.89 17.42 1.63
O1 GOL J . 14.59 17.25 3.00
C2 GOL J . 14.30 18.72 1.12
O2 GOL J . 14.90 19.07 -0.11
C3 GOL J . 14.52 19.86 2.12
O3 GOL J . 13.96 19.50 3.37
C1 GOL K . 14.87 14.11 -3.10
O1 GOL K . 14.78 13.47 -4.36
C2 GOL K . 15.10 15.60 -3.30
O2 GOL K . 13.93 16.20 -3.78
C3 GOL K . 15.50 16.23 -1.97
O3 GOL K . 15.79 17.60 -2.17
C1 GOL L . 6.13 10.85 -5.90
O1 GOL L . 6.92 10.57 -4.76
C2 GOL L . 6.98 10.70 -7.16
O2 GOL L . 8.17 10.01 -6.86
C3 GOL L . 6.20 9.94 -8.21
O3 GOL L . 5.47 10.83 -9.02
C1 GOL M . 25.27 7.90 -1.21
O1 GOL M . 25.79 6.87 -2.03
C2 GOL M . 24.19 8.67 -1.98
O2 GOL M . 23.74 7.91 -3.08
C3 GOL M . 23.02 8.97 -1.05
O3 GOL M . 23.36 10.00 -0.17
C1 GOL N . -5.16 25.56 -37.40
O1 GOL N . -3.88 26.15 -37.25
C2 GOL N . -6.23 26.48 -36.81
O2 GOL N . -7.27 26.64 -37.73
C3 GOL N . -6.78 25.87 -35.52
O3 GOL N . -5.79 25.88 -34.51
C1 GOL O . -14.56 6.66 -37.33
O1 GOL O . -13.60 7.68 -37.15
C2 GOL O . -15.40 6.50 -36.07
O2 GOL O . -15.71 7.79 -35.54
C3 GOL O . -16.70 5.80 -36.43
O3 GOL O . -16.42 4.79 -37.39
C1 GOL P . -9.11 22.40 -27.37
O1 GOL P . -9.65 23.52 -28.03
C2 GOL P . -7.86 21.90 -28.09
O2 GOL P . -8.23 20.94 -29.06
C3 GOL P . -7.13 23.06 -28.77
O3 GOL P . -6.48 23.84 -27.79
C1 GOL Q . 19.82 10.56 -1.03
O1 GOL Q . 18.94 10.53 0.08
C2 GOL Q . 19.07 10.22 -2.31
O2 GOL Q . 17.88 10.96 -2.37
C3 GOL Q . 19.94 10.58 -3.52
O3 GOL Q . 21.03 9.68 -3.62
#